data_2VQA
#
_entry.id   2VQA
#
_cell.length_a   236.190
_cell.length_b   236.190
_cell.length_c   134.041
_cell.angle_alpha   90.00
_cell.angle_beta   90.00
_cell.angle_gamma   120.00
#
_symmetry.space_group_name_H-M   'P 65 2 2'
#
loop_
_entity.id
_entity.type
_entity.pdbx_description
1 polymer 'SLL1358 PROTEIN'
2 non-polymer 'MANGANESE (II) ION'
3 non-polymer 'ACETATE ION'
4 water water
#
_entity_poly.entity_id   1
_entity_poly.type   'polypeptide(L)'
_entity_poly.pdbx_seq_one_letter_code
;MQSEQWRSLSNVVWGKDLPAFTYAFSKTPLVLYDGGTTKQVGTYNFPVSKGMAGVYMSLEPGAIRELHWHANAAEWAYVM
EGRTRITLTSPEGKVEIADVDKGGLWYFPRGWGHSIEGIGPDTAKFLLVFNDGTFSEGATFSVTDWLSHTPIAWVEENLG
WTAAQVAQLPKKQVYISSYGPASGPLASATPQGQTAKIEVPHTHNLLGQQPLVSLGGNELRLASAKEFPGSFNMTGALIH
LEPGAMRQLHWHPNADEWQYVLDGEMDLTVFASEGKASVSRLQQGDVGYVPKGYGHAIRNSSQKPLDIVVVFNDGDYQSI
DLSTWLASNPSSVLGNTFQISPELTKKLPVQDTIFSLPTQP
;
_entity_poly.pdbx_strand_id   A,B,C
#
# COMPACT_ATOMS: atom_id res chain seq x y z
N TRP A 6 -21.41 33.67 8.85
CA TRP A 6 -19.95 33.97 8.60
C TRP A 6 -19.70 34.43 7.14
N ARG A 7 -19.59 35.73 6.90
CA ARG A 7 -19.31 36.21 5.54
C ARG A 7 -17.93 35.74 5.08
N SER A 8 -17.79 35.48 3.77
CA SER A 8 -16.50 35.13 3.17
C SER A 8 -16.27 35.97 1.93
N LEU A 9 -15.01 36.27 1.60
CA LEU A 9 -14.74 37.09 0.41
C LEU A 9 -15.38 36.59 -0.89
N SER A 10 -15.78 35.33 -0.94
CA SER A 10 -16.29 34.79 -2.20
C SER A 10 -17.80 34.57 -2.14
N ASN A 11 -18.38 34.67 -0.95
CA ASN A 11 -19.80 34.35 -0.76
C ASN A 11 -20.10 32.91 -1.13
N VAL A 12 -19.17 32.01 -0.85
CA VAL A 12 -19.42 30.61 -1.17
C VAL A 12 -20.62 30.14 -0.33
N VAL A 13 -21.50 29.34 -0.91
CA VAL A 13 -22.55 28.74 -0.12
C VAL A 13 -21.91 27.61 0.67
N TRP A 14 -21.74 27.83 1.97
CA TRP A 14 -21.07 26.84 2.81
C TRP A 14 -21.69 25.47 2.68
N GLY A 15 -20.87 24.44 2.64
CA GLY A 15 -21.39 23.07 2.52
C GLY A 15 -21.77 22.65 1.12
N LYS A 16 -22.20 23.59 0.26
CA LYS A 16 -22.66 23.19 -1.09
C LYS A 16 -21.65 22.31 -1.83
N ASP A 17 -22.14 21.23 -2.45
CA ASP A 17 -21.31 20.22 -3.14
C ASP A 17 -20.25 19.52 -2.29
N LEU A 18 -20.52 19.38 -0.99
CA LEU A 18 -19.54 18.74 -0.10
C LEU A 18 -20.23 17.80 0.86
N PRO A 19 -19.63 16.65 1.13
CA PRO A 19 -20.09 15.80 2.24
C PRO A 19 -20.08 16.58 3.55
N ALA A 20 -20.86 16.12 4.52
CA ALA A 20 -20.76 16.64 5.89
C ALA A 20 -19.36 16.36 6.49
N PHE A 21 -18.82 17.31 7.28
CA PHE A 21 -17.53 17.08 7.93
C PHE A 21 -17.74 16.95 9.42
N THR A 22 -19.00 17.06 9.83
CA THR A 22 -19.32 16.91 11.24
C THR A 22 -20.51 15.95 11.40
N TYR A 23 -20.58 15.31 12.56
CA TYR A 23 -21.62 14.36 12.84
C TYR A 23 -22.15 14.64 14.22
N ALA A 24 -23.47 14.66 14.35
CA ALA A 24 -24.08 14.92 15.64
C ALA A 24 -23.99 13.68 16.56
N PHE A 25 -22.77 13.24 16.84
CA PHE A 25 -22.56 12.03 17.60
C PHE A 25 -23.22 12.11 18.99
N SER A 26 -23.21 13.29 19.59
CA SER A 26 -23.78 13.46 20.93
C SER A 26 -25.26 13.11 20.92
N LYS A 27 -25.85 13.00 19.74
CA LYS A 27 -27.27 12.66 19.70
C LYS A 27 -27.55 11.25 19.22
N THR A 28 -26.50 10.49 18.90
CA THR A 28 -26.67 9.09 18.57
C THR A 28 -27.01 8.35 19.87
N PRO A 29 -28.09 7.54 19.85
CA PRO A 29 -28.50 6.71 21.00
C PRO A 29 -27.42 5.71 21.40
N LEU A 30 -27.23 5.53 22.71
CA LEU A 30 -26.37 4.47 23.21
C LEU A 30 -27.01 3.08 23.00
N VAL A 31 -26.19 2.06 22.82
CA VAL A 31 -26.73 0.71 22.82
C VAL A 31 -26.35 0.18 24.18
N LEU A 32 -27.30 -0.39 24.91
CA LEU A 32 -27.02 -0.73 26.33
C LEU A 32 -26.58 -2.19 26.54
N TYR A 33 -25.56 -2.39 27.37
CA TYR A 33 -25.12 -3.74 27.79
C TYR A 33 -25.08 -3.85 29.29
N ASP A 34 -24.80 -5.04 29.79
CA ASP A 34 -24.83 -5.30 31.22
C ASP A 34 -23.58 -4.73 31.91
N GLY A 35 -23.65 -3.45 32.29
CA GLY A 35 -22.53 -2.76 32.90
C GLY A 35 -21.73 -1.99 31.88
N GLY A 36 -22.32 -1.73 30.72
CA GLY A 36 -21.60 -0.97 29.70
C GLY A 36 -22.49 -0.38 28.64
N THR A 37 -22.00 0.69 28.01
CA THR A 37 -22.75 1.35 26.92
C THR A 37 -21.76 1.59 25.78
N THR A 38 -22.27 1.74 24.56
CA THR A 38 -21.43 1.98 23.38
C THR A 38 -22.23 2.56 22.22
N LYS A 39 -21.60 3.44 21.44
CA LYS A 39 -22.14 3.89 20.16
C LYS A 39 -20.98 4.11 19.21
N GLN A 40 -21.23 4.17 17.91
CA GLN A 40 -20.12 4.28 16.99
C GLN A 40 -20.42 5.13 15.77
N VAL A 41 -19.39 5.70 15.15
CA VAL A 41 -19.54 6.52 13.96
C VAL A 41 -18.44 6.23 12.93
N GLY A 42 -18.85 5.70 11.78
CA GLY A 42 -17.91 5.34 10.70
C GLY A 42 -18.62 5.61 9.39
N THR A 43 -18.06 5.13 8.27
CA THR A 43 -18.64 5.45 6.94
C THR A 43 -20.11 5.08 6.79
N TYR A 44 -20.59 4.10 7.55
CA TYR A 44 -21.98 3.62 7.45
C TYR A 44 -23.03 4.70 7.84
N ASN A 45 -22.61 5.71 8.59
CA ASN A 45 -23.52 6.80 8.98
C ASN A 45 -22.85 8.18 8.82
N PHE A 46 -21.57 8.18 8.50
CA PHE A 46 -20.78 9.38 8.36
C PHE A 46 -19.94 9.23 7.12
N PRO A 47 -20.55 9.40 5.95
CA PRO A 47 -19.93 8.96 4.69
C PRO A 47 -18.49 9.45 4.44
N VAL A 48 -18.15 10.68 4.84
CA VAL A 48 -16.81 11.23 4.57
C VAL A 48 -15.69 10.54 5.31
N SER A 49 -15.99 10.05 6.50
CA SER A 49 -15.00 9.49 7.43
C SER A 49 -14.40 8.12 6.99
N LYS A 50 -13.64 8.12 5.89
CA LYS A 50 -13.16 6.88 5.26
C LYS A 50 -11.96 6.21 5.93
N GLY A 51 -11.04 6.99 6.46
CA GLY A 51 -9.82 6.43 7.03
C GLY A 51 -9.86 6.06 8.50
N MET A 52 -10.88 6.52 9.21
CA MET A 52 -11.02 6.26 10.66
C MET A 52 -12.49 6.17 11.10
N ALA A 53 -12.75 5.36 12.11
CA ALA A 53 -14.06 5.29 12.78
C ALA A 53 -13.90 5.44 14.29
N GLY A 54 -14.87 6.08 14.91
CA GLY A 54 -14.81 6.33 16.34
C GLY A 54 -15.86 5.55 17.08
N VAL A 55 -15.52 5.09 18.28
CA VAL A 55 -16.44 4.35 19.13
C VAL A 55 -16.43 4.96 20.51
N TYR A 56 -17.59 5.34 21.04
CA TYR A 56 -17.69 5.69 22.44
C TYR A 56 -18.05 4.41 23.19
N MET A 57 -17.42 4.20 24.33
CA MET A 57 -17.75 3.06 25.16
C MET A 57 -17.58 3.40 26.63
N SER A 58 -18.43 2.81 27.48
CA SER A 58 -18.34 3.02 28.92
C SER A 58 -18.45 1.67 29.63
N LEU A 59 -17.69 1.51 30.71
CA LEU A 59 -17.71 0.31 31.49
C LEU A 59 -17.87 0.69 32.95
N GLU A 60 -18.65 -0.09 33.68
CA GLU A 60 -18.81 0.20 35.10
C GLU A 60 -17.82 -0.65 35.86
N PRO A 61 -17.78 -0.49 37.18
CA PRO A 61 -16.78 -1.23 37.95
C PRO A 61 -17.06 -2.73 37.84
N GLY A 62 -16.08 -3.48 37.37
CA GLY A 62 -16.21 -4.93 37.31
C GLY A 62 -16.82 -5.40 36.02
N ALA A 63 -17.10 -4.47 35.12
CA ALA A 63 -17.58 -4.85 33.80
C ALA A 63 -16.43 -4.95 32.80
N ILE A 64 -16.37 -6.05 32.08
CA ILE A 64 -15.32 -6.24 31.11
C ILE A 64 -15.87 -6.30 29.68
N ARG A 65 -15.15 -5.68 28.74
CA ARG A 65 -15.35 -5.89 27.31
C ARG A 65 -14.48 -7.12 27.03
N GLU A 66 -15.14 -8.26 26.84
CA GLU A 66 -14.51 -9.58 26.75
C GLU A 66 -13.30 -9.66 25.82
N LEU A 67 -12.46 -10.68 26.02
CA LEU A 67 -11.35 -10.99 25.13
C LEU A 67 -11.74 -11.11 23.66
N HIS A 68 -11.22 -10.21 22.83
CA HIS A 68 -11.57 -10.15 21.42
C HIS A 68 -10.38 -9.70 20.56
N TRP A 69 -10.51 -9.83 19.25
CA TRP A 69 -9.51 -9.29 18.32
C TRP A 69 -10.18 -8.77 17.03
N HIS A 70 -9.45 -7.96 16.29
CA HIS A 70 -9.91 -7.55 14.99
C HIS A 70 -8.71 -7.23 14.12
N ALA A 71 -8.46 -8.07 13.12
CA ALA A 71 -7.25 -7.91 12.31
C ALA A 71 -7.37 -6.75 11.31
N ASN A 72 -8.60 -6.39 10.96
CA ASN A 72 -8.84 -5.38 9.94
C ASN A 72 -8.66 -3.92 10.43
N ALA A 73 -8.31 -3.74 11.71
CA ALA A 73 -8.14 -2.41 12.30
C ALA A 73 -7.30 -2.34 13.60
N ALA A 74 -6.48 -1.28 13.68
CA ALA A 74 -5.76 -0.94 14.90
C ALA A 74 -6.62 -0.03 15.79
N GLU A 75 -6.42 -0.15 17.10
CA GLU A 75 -7.27 0.52 18.09
C GLU A 75 -6.41 1.47 18.91
N TRP A 76 -6.70 2.76 18.78
CA TRP A 76 -6.08 3.85 19.55
C TRP A 76 -7.15 4.35 20.50
N ALA A 77 -6.78 4.65 21.74
CA ALA A 77 -7.77 4.97 22.76
C ALA A 77 -7.46 6.18 23.64
N TYR A 78 -8.49 6.96 23.91
CA TYR A 78 -8.37 8.03 24.88
C TYR A 78 -9.39 7.81 26.01
N VAL A 79 -8.89 7.70 27.24
CA VAL A 79 -9.79 7.56 28.39
C VAL A 79 -10.27 8.94 28.88
N MET A 80 -11.57 9.21 28.72
CA MET A 80 -12.15 10.49 29.11
C MET A 80 -12.42 10.63 30.62
N GLU A 81 -12.86 9.55 31.27
CA GLU A 81 -13.13 9.56 32.71
C GLU A 81 -12.83 8.20 33.33
N GLY A 82 -12.48 8.20 34.61
CA GLY A 82 -12.37 6.97 35.39
C GLY A 82 -11.09 6.15 35.19
N ARG A 83 -11.19 4.83 35.31
CA ARG A 83 -10.00 3.98 35.34
C ARG A 83 -10.25 2.64 34.65
N THR A 84 -9.42 2.29 33.69
CA THR A 84 -9.58 1.00 33.03
C THR A 84 -8.39 0.11 33.31
N ARG A 85 -8.55 -1.18 33.05
CA ARG A 85 -7.40 -2.07 32.93
C ARG A 85 -7.46 -2.84 31.62
N ILE A 86 -6.39 -2.79 30.85
CA ILE A 86 -6.31 -3.51 29.59
C ILE A 86 -5.40 -4.72 29.67
N THR A 87 -5.71 -5.75 28.89
CA THR A 87 -4.73 -6.79 28.63
C THR A 87 -4.52 -6.86 27.13
N LEU A 88 -3.28 -7.12 26.71
CA LEU A 88 -2.91 -7.17 25.30
C LEU A 88 -1.94 -8.32 25.00
N THR A 89 -2.25 -9.18 24.05
CA THR A 89 -1.34 -10.30 23.80
C THR A 89 -0.84 -10.33 22.37
N SER A 90 0.49 -10.31 22.20
CA SER A 90 1.12 -10.20 20.86
C SER A 90 1.34 -11.55 20.16
N PRO A 91 1.52 -11.51 18.82
CA PRO A 91 1.79 -12.66 17.96
C PRO A 91 3.01 -13.43 18.42
N GLU A 92 3.78 -12.82 19.31
CA GLU A 92 4.94 -13.46 19.94
C GLU A 92 4.71 -14.00 21.35
N GLY A 93 3.46 -14.26 21.73
CA GLY A 93 3.18 -14.69 23.10
C GLY A 93 3.54 -13.72 24.22
N LYS A 94 3.74 -12.44 23.91
CA LYS A 94 4.03 -11.45 24.95
C LYS A 94 2.77 -10.71 25.43
N VAL A 95 2.75 -10.28 26.69
CA VAL A 95 1.55 -9.65 27.22
C VAL A 95 1.83 -8.35 27.99
N GLU A 96 0.87 -7.43 27.92
CA GLU A 96 0.87 -6.27 28.78
C GLU A 96 -0.45 -6.23 29.53
N ILE A 97 -0.36 -6.03 30.84
CA ILE A 97 -1.53 -5.90 31.68
C ILE A 97 -1.35 -4.57 32.41
N ALA A 98 -2.18 -3.58 32.07
CA ALA A 98 -1.92 -2.26 32.57
C ALA A 98 -3.16 -1.45 32.83
N ASP A 99 -3.01 -0.47 33.72
CA ASP A 99 -4.06 0.47 34.06
C ASP A 99 -3.91 1.65 33.14
N VAL A 100 -5.03 2.20 32.69
CA VAL A 100 -5.01 3.43 31.92
C VAL A 100 -6.11 4.30 32.50
N ASP A 101 -5.73 5.49 32.98
CA ASP A 101 -6.67 6.42 33.60
C ASP A 101 -7.03 7.62 32.71
N LYS A 102 -7.88 8.49 33.24
CA LYS A 102 -8.27 9.69 32.54
C LYS A 102 -7.05 10.39 31.99
N GLY A 103 -7.04 10.62 30.68
CA GLY A 103 -5.93 11.29 30.02
C GLY A 103 -4.92 10.32 29.43
N GLY A 104 -5.14 9.03 29.64
CA GLY A 104 -4.23 7.99 29.18
C GLY A 104 -4.65 7.36 27.85
N LEU A 105 -3.66 6.90 27.09
CA LEU A 105 -3.91 6.25 25.81
C LEU A 105 -3.60 4.77 25.86
N TRP A 106 -4.22 3.99 24.98
CA TRP A 106 -3.66 2.67 24.65
C TRP A 106 -3.70 2.44 23.16
N TYR A 107 -2.82 1.58 22.67
CA TYR A 107 -2.81 1.23 21.25
C TYR A 107 -2.74 -0.28 21.08
N PHE A 108 -3.74 -0.84 20.43
CA PHE A 108 -3.79 -2.25 20.18
C PHE A 108 -3.50 -2.55 18.71
N PRO A 109 -2.30 -3.06 18.41
CA PRO A 109 -1.96 -3.32 16.99
C PRO A 109 -2.97 -4.26 16.34
N ARG A 110 -3.26 -4.05 15.06
CA ARG A 110 -4.07 -4.98 14.24
C ARG A 110 -4.00 -6.46 14.64
N GLY A 111 -5.15 -7.05 14.95
CA GLY A 111 -5.23 -8.48 15.21
C GLY A 111 -4.68 -9.00 16.52
N TRP A 112 -4.19 -8.12 17.38
CA TRP A 112 -3.71 -8.56 18.70
C TRP A 112 -4.88 -8.77 19.65
N GLY A 113 -4.86 -9.85 20.42
CA GLY A 113 -5.94 -10.09 21.36
C GLY A 113 -5.83 -9.12 22.53
N HIS A 114 -6.99 -8.61 22.98
CA HIS A 114 -7.04 -7.68 24.10
C HIS A 114 -8.38 -7.69 24.84
N SER A 115 -8.39 -7.08 26.03
CA SER A 115 -9.61 -6.89 26.83
C SER A 115 -9.58 -5.53 27.50
N ILE A 116 -10.72 -5.05 27.98
CA ILE A 116 -10.75 -3.79 28.74
C ILE A 116 -11.72 -3.95 29.88
N GLU A 117 -11.26 -3.74 31.10
CA GLU A 117 -12.15 -3.80 32.25
C GLU A 117 -12.18 -2.46 32.98
N GLY A 118 -13.36 -2.11 33.50
CA GLY A 118 -13.54 -0.89 34.30
C GLY A 118 -13.23 -1.15 35.76
N ILE A 119 -12.32 -0.36 36.33
CA ILE A 119 -12.00 -0.54 37.74
C ILE A 119 -12.59 0.61 38.57
N GLY A 120 -13.06 0.32 39.79
CA GLY A 120 -13.85 1.27 40.58
C GLY A 120 -13.15 2.60 40.90
N PRO A 121 -13.82 3.48 41.66
CA PRO A 121 -15.23 3.30 42.05
C PRO A 121 -16.21 3.83 40.99
N ASP A 122 -15.78 4.65 40.03
CA ASP A 122 -16.80 5.17 39.12
C ASP A 122 -16.81 4.48 37.76
N THR A 123 -17.52 5.09 36.81
CA THR A 123 -17.66 4.51 35.49
C THR A 123 -16.55 5.01 34.57
N ALA A 124 -15.85 4.08 33.94
CA ALA A 124 -14.89 4.45 32.93
C ALA A 124 -15.59 4.81 31.60
N LYS A 125 -15.18 5.92 31.01
CA LYS A 125 -15.69 6.33 29.72
C LYS A 125 -14.52 6.67 28.83
N PHE A 126 -14.48 6.08 27.63
CA PHE A 126 -13.31 6.22 26.78
C PHE A 126 -13.68 6.26 25.33
N LEU A 127 -12.80 6.83 24.50
CA LEU A 127 -12.94 6.82 23.04
C LEU A 127 -12.03 5.79 22.40
N LEU A 128 -12.52 5.15 21.35
CA LEU A 128 -11.71 4.21 20.60
C LEU A 128 -11.73 4.63 19.15
N VAL A 129 -10.58 5.00 18.62
CA VAL A 129 -10.50 5.41 17.22
C VAL A 129 -9.80 4.31 16.44
N PHE A 130 -10.34 3.96 15.27
CA PHE A 130 -9.85 2.80 14.55
C PHE A 130 -9.37 3.21 13.18
N ASN A 131 -8.24 2.68 12.72
CA ASN A 131 -7.73 3.10 11.40
C ASN A 131 -8.35 2.37 10.22
N ASP A 132 -9.68 2.27 10.26
CA ASP A 132 -10.45 1.72 9.16
C ASP A 132 -11.86 2.27 9.29
N GLY A 133 -12.23 3.14 8.36
CA GLY A 133 -13.51 3.80 8.38
C GLY A 133 -14.74 2.94 8.55
N THR A 134 -14.65 1.66 8.24
CA THR A 134 -15.86 0.86 8.23
C THR A 134 -15.97 0.00 9.47
N PHE A 135 -15.07 0.25 10.43
CA PHE A 135 -15.00 -0.63 11.59
C PHE A 135 -16.26 -0.57 12.43
N SER A 136 -16.73 -1.72 12.91
CA SER A 136 -17.94 -1.77 13.73
C SER A 136 -17.79 -2.67 14.97
N GLU A 137 -18.15 -2.16 16.14
CA GLU A 137 -18.02 -2.97 17.33
C GLU A 137 -18.87 -4.23 17.27
N GLY A 138 -19.61 -4.45 16.20
CA GLY A 138 -20.43 -5.64 16.12
C GLY A 138 -19.79 -6.69 15.23
N ALA A 139 -18.58 -6.41 14.78
CA ALA A 139 -17.91 -7.30 13.83
C ALA A 139 -16.52 -7.59 14.33
N THR A 140 -16.38 -7.64 15.65
CA THR A 140 -15.11 -8.05 16.24
C THR A 140 -15.09 -9.56 16.41
N PHE A 141 -13.91 -10.13 16.62
CA PHE A 141 -13.82 -11.54 16.85
C PHE A 141 -13.80 -11.80 18.36
N SER A 142 -14.85 -12.46 18.83
CA SER A 142 -15.02 -12.75 20.23
C SER A 142 -14.62 -14.17 20.59
N VAL A 143 -13.88 -14.31 21.67
CA VAL A 143 -13.47 -15.63 22.12
C VAL A 143 -14.68 -16.52 22.54
N THR A 144 -15.67 -15.92 23.19
CA THR A 144 -16.87 -16.66 23.58
C THR A 144 -17.65 -17.14 22.35
N ASP A 145 -17.70 -16.29 21.33
CA ASP A 145 -18.30 -16.64 20.05
C ASP A 145 -17.50 -17.77 19.41
N TRP A 146 -16.19 -17.56 19.31
CA TRP A 146 -15.28 -18.56 18.76
C TRP A 146 -15.50 -19.95 19.35
N LEU A 147 -15.33 -20.08 20.65
CA LEU A 147 -15.41 -21.40 21.28
C LEU A 147 -16.82 -21.99 21.19
N SER A 148 -17.84 -21.15 21.05
CA SER A 148 -19.22 -21.65 20.91
C SER A 148 -19.56 -21.94 19.45
N HIS A 149 -18.66 -21.59 18.54
CA HIS A 149 -18.84 -21.90 17.12
C HIS A 149 -17.69 -22.80 16.57
N THR A 150 -17.22 -23.69 17.42
CA THR A 150 -16.19 -24.67 17.07
C THR A 150 -16.71 -26.03 17.55
N PRO A 151 -16.45 -27.08 16.77
CA PRO A 151 -16.97 -28.39 17.15
C PRO A 151 -16.61 -28.71 18.59
N ILE A 152 -17.57 -29.20 19.36
CA ILE A 152 -17.31 -29.43 20.78
C ILE A 152 -16.14 -30.39 21.00
N ALA A 153 -16.13 -31.52 20.30
CA ALA A 153 -15.05 -32.48 20.43
C ALA A 153 -13.69 -31.78 20.30
N TRP A 154 -13.57 -30.88 19.30
CA TRP A 154 -12.31 -30.17 19.04
C TRP A 154 -11.89 -29.24 20.18
N VAL A 155 -12.86 -28.55 20.78
CA VAL A 155 -12.61 -27.72 21.96
C VAL A 155 -12.18 -28.57 23.15
N GLU A 156 -12.83 -29.71 23.31
CA GLU A 156 -12.44 -30.62 24.35
C GLU A 156 -10.95 -30.98 24.18
N GLU A 157 -10.57 -31.33 22.95
CA GLU A 157 -9.19 -31.72 22.66
C GLU A 157 -8.23 -30.55 22.90
N ASN A 158 -8.60 -29.36 22.44
CA ASN A 158 -7.72 -28.19 22.57
C ASN A 158 -7.50 -27.79 24.02
N LEU A 159 -8.54 -27.91 24.85
CA LEU A 159 -8.42 -27.56 26.26
C LEU A 159 -8.04 -28.74 27.15
N GLY A 160 -8.17 -29.96 26.64
CA GLY A 160 -8.08 -31.15 27.49
C GLY A 160 -9.22 -31.22 28.51
N TRP A 161 -10.48 -31.05 28.04
CA TRP A 161 -11.63 -30.94 28.92
C TRP A 161 -12.68 -32.02 28.65
N THR A 162 -13.46 -32.37 29.68
CA THR A 162 -14.61 -33.28 29.52
C THR A 162 -15.76 -32.55 28.86
N ALA A 163 -16.79 -33.28 28.42
CA ALA A 163 -17.96 -32.63 27.85
C ALA A 163 -18.67 -31.76 28.89
N ALA A 164 -18.71 -32.23 30.14
CA ALA A 164 -19.35 -31.49 31.24
C ALA A 164 -18.66 -30.14 31.48
N GLN A 165 -17.34 -30.11 31.28
CA GLN A 165 -16.61 -28.86 31.45
C GLN A 165 -16.93 -27.88 30.32
N VAL A 166 -16.57 -28.26 29.10
CA VAL A 166 -16.89 -27.48 27.93
C VAL A 166 -18.36 -27.02 27.90
N ALA A 167 -19.25 -27.82 28.48
CA ALA A 167 -20.69 -27.47 28.50
C ALA A 167 -20.97 -26.21 29.32
N GLN A 168 -20.03 -25.79 30.14
CA GLN A 168 -20.27 -24.61 30.95
C GLN A 168 -19.82 -23.32 30.28
N LEU A 169 -19.26 -23.43 29.07
CA LEU A 169 -18.89 -22.23 28.33
C LEU A 169 -20.11 -21.52 27.71
N PRO A 170 -19.98 -20.23 27.42
CA PRO A 170 -21.05 -19.48 26.78
C PRO A 170 -21.52 -20.16 25.48
N LYS A 171 -22.76 -19.91 25.11
CA LYS A 171 -23.31 -20.48 23.89
C LYS A 171 -23.32 -19.49 22.73
N LYS A 172 -22.82 -18.29 22.98
CA LYS A 172 -22.78 -17.27 21.95
C LYS A 172 -21.89 -16.11 22.38
N GLN A 173 -21.70 -15.13 21.50
CA GLN A 173 -20.85 -13.99 21.84
C GLN A 173 -21.31 -13.32 23.13
N VAL A 174 -20.38 -13.05 24.04
CA VAL A 174 -20.75 -12.44 25.31
C VAL A 174 -20.67 -10.93 25.22
N TYR A 175 -19.66 -10.46 24.52
CA TYR A 175 -19.46 -9.03 24.27
C TYR A 175 -19.02 -8.19 25.49
N ILE A 176 -19.95 -7.90 26.42
CA ILE A 176 -19.63 -7.27 27.70
C ILE A 176 -20.18 -8.08 28.89
N SER A 177 -19.35 -8.27 29.90
CA SER A 177 -19.76 -9.11 31.03
C SER A 177 -19.56 -8.42 32.38
N SER A 178 -20.55 -8.56 33.26
CA SER A 178 -20.49 -8.10 34.64
C SER A 178 -20.76 -9.30 35.49
N TYR A 179 -20.48 -10.48 34.95
CA TYR A 179 -20.67 -11.73 35.66
C TYR A 179 -19.70 -11.87 36.82
N GLY A 180 -18.47 -11.40 36.67
CA GLY A 180 -17.50 -11.34 37.77
C GLY A 180 -16.42 -12.41 37.70
N PRO A 181 -15.41 -12.33 38.57
CA PRO A 181 -15.24 -11.28 39.58
C PRO A 181 -14.56 -10.04 39.03
N ALA A 182 -14.77 -8.90 39.69
CA ALA A 182 -14.03 -7.69 39.38
C ALA A 182 -12.57 -8.03 39.67
N SER A 183 -11.65 -7.45 38.92
CA SER A 183 -10.25 -7.75 39.12
C SER A 183 -9.72 -7.09 40.38
N GLY A 184 -8.74 -7.72 41.02
CA GLY A 184 -8.08 -7.19 42.21
C GLY A 184 -6.99 -6.19 41.88
N PRO A 185 -6.07 -5.95 42.85
CA PRO A 185 -5.00 -4.97 42.65
C PRO A 185 -4.13 -5.34 41.43
N LEU A 186 -3.56 -4.34 40.78
CA LEU A 186 -2.71 -4.58 39.61
C LEU A 186 -1.63 -5.67 39.84
N ALA A 187 -0.83 -5.51 40.89
CA ALA A 187 0.21 -6.48 41.23
C ALA A 187 -0.26 -7.96 41.24
N SER A 188 -1.53 -8.20 41.58
CA SER A 188 -2.07 -9.57 41.65
C SER A 188 -2.60 -10.08 40.32
N ALA A 189 -2.77 -9.20 39.33
CA ALA A 189 -3.31 -9.61 38.02
C ALA A 189 -2.26 -10.33 37.15
N THR A 190 -1.79 -11.47 37.64
CA THR A 190 -0.75 -12.22 36.98
C THR A 190 -1.40 -13.20 35.99
N PRO A 191 -0.72 -13.47 34.86
CA PRO A 191 -1.19 -14.43 33.86
C PRO A 191 -1.31 -15.82 34.45
N GLN A 192 -2.36 -16.55 34.09
CA GLN A 192 -2.50 -17.90 34.61
C GLN A 192 -1.35 -18.83 34.20
N GLY A 193 -0.70 -18.54 33.08
CA GLY A 193 0.45 -19.34 32.65
C GLY A 193 1.66 -18.46 32.43
N GLN A 194 2.85 -18.98 32.73
CA GLN A 194 4.12 -18.29 32.47
C GLN A 194 4.12 -17.54 31.13
N THR A 195 4.21 -16.21 31.17
CA THR A 195 4.12 -15.44 29.92
C THR A 195 5.04 -14.24 29.90
N ALA A 196 5.86 -14.14 28.85
CA ALA A 196 6.81 -13.05 28.70
C ALA A 196 6.08 -11.71 28.58
N LYS A 197 6.59 -10.70 29.30
CA LYS A 197 5.98 -9.37 29.28
C LYS A 197 6.33 -8.62 28.00
N ILE A 198 5.33 -7.94 27.42
CA ILE A 198 5.55 -7.00 26.32
C ILE A 198 6.41 -5.84 26.84
N GLU A 199 7.47 -5.49 26.13
CA GLU A 199 8.39 -4.49 26.66
C GLU A 199 8.24 -3.10 26.08
N VAL A 200 7.91 -3.01 24.80
CA VAL A 200 7.59 -1.71 24.22
C VAL A 200 6.23 -1.26 24.78
N PRO A 201 6.19 -0.14 25.53
CA PRO A 201 4.94 0.31 26.16
C PRO A 201 3.79 0.50 25.16
N HIS A 202 2.61 -0.02 25.50
CA HIS A 202 1.46 0.10 24.62
C HIS A 202 0.34 0.94 25.22
N THR A 203 0.62 1.51 26.38
CA THR A 203 -0.22 2.59 26.93
C THR A 203 0.67 3.82 27.10
N HIS A 204 0.08 4.97 27.37
CA HIS A 204 0.85 6.23 27.39
C HIS A 204 0.01 7.34 27.96
N ASN A 205 0.68 8.28 28.61
CA ASN A 205 0.01 9.36 29.29
C ASN A 205 0.03 10.63 28.46
N LEU A 206 -1.11 10.95 27.85
CA LEU A 206 -1.21 12.09 26.95
C LEU A 206 -1.53 13.37 27.71
N LEU A 207 -2.64 13.34 28.46
CA LEU A 207 -3.10 14.50 29.22
C LEU A 207 -2.04 15.12 30.11
N GLY A 208 -1.29 14.29 30.82
CA GLY A 208 -0.24 14.82 31.69
C GLY A 208 1.07 15.15 31.01
N GLN A 209 1.10 15.29 29.69
CA GLN A 209 2.32 15.80 29.04
C GLN A 209 2.39 17.29 29.23
N GLN A 210 3.59 17.85 29.14
CA GLN A 210 3.73 19.29 29.07
C GLN A 210 3.21 19.74 27.71
N PRO A 211 2.54 20.90 27.64
CA PRO A 211 2.08 21.34 26.32
C PRO A 211 3.25 21.39 25.35
N LEU A 212 3.05 20.92 24.13
CA LEU A 212 4.03 21.15 23.06
C LEU A 212 4.05 22.63 22.64
N VAL A 213 2.89 23.28 22.77
CA VAL A 213 2.69 24.66 22.38
C VAL A 213 1.69 25.28 23.34
N SER A 214 1.99 26.50 23.76
CA SER A 214 1.18 27.23 24.73
C SER A 214 1.23 28.71 24.34
N LEU A 215 0.06 29.31 24.11
CA LEU A 215 0.00 30.73 23.79
C LEU A 215 -1.21 31.35 24.44
N GLY A 216 -0.97 32.23 25.43
CA GLY A 216 -2.04 32.84 26.22
C GLY A 216 -3.19 31.89 26.55
N GLY A 217 -2.88 30.73 27.15
CA GLY A 217 -3.93 29.83 27.66
C GLY A 217 -4.26 28.72 26.68
N ASN A 218 -3.99 28.98 25.40
CA ASN A 218 -4.17 27.94 24.38
C ASN A 218 -3.04 26.91 24.37
N GLU A 219 -3.41 25.63 24.28
CA GLU A 219 -2.47 24.55 24.57
C GLU A 219 -2.64 23.37 23.63
N LEU A 220 -1.52 22.80 23.20
CA LEU A 220 -1.54 21.60 22.37
C LEU A 220 -0.59 20.55 22.92
N ARG A 221 -1.14 19.39 23.27
CA ARG A 221 -0.33 18.24 23.65
C ARG A 221 -0.44 17.23 22.51
N LEU A 222 0.70 16.67 22.11
CA LEU A 222 0.74 15.83 20.92
C LEU A 222 1.43 14.54 21.25
N ALA A 223 0.81 13.42 20.88
CA ALA A 223 1.43 12.12 21.04
C ALA A 223 1.52 11.47 19.69
N SER A 224 2.71 11.54 19.09
CA SER A 224 2.97 10.84 17.83
C SER A 224 3.92 9.67 18.10
N ALA A 225 4.37 9.01 17.05
CA ALA A 225 5.34 7.93 17.22
C ALA A 225 6.55 8.44 17.97
N LYS A 226 6.81 9.75 17.86
CA LYS A 226 7.96 10.37 18.50
C LYS A 226 7.83 10.27 20.04
N GLU A 227 6.61 10.39 20.58
CA GLU A 227 6.49 10.18 22.04
C GLU A 227 5.79 8.90 22.45
N PHE A 228 5.18 8.20 21.51
CA PHE A 228 4.49 6.97 21.85
C PHE A 228 4.77 6.01 20.71
N PRO A 229 6.03 5.52 20.67
CA PRO A 229 6.51 4.77 19.51
C PRO A 229 5.65 3.55 19.26
N GLY A 230 4.94 3.09 20.29
CA GLY A 230 4.18 1.85 20.19
C GLY A 230 2.97 1.98 19.30
N SER A 231 2.38 3.17 19.35
CA SER A 231 1.34 3.57 18.44
C SER A 231 2.02 4.00 17.15
N PHE A 232 2.62 3.05 16.45
CA PHE A 232 3.57 3.37 15.38
C PHE A 232 2.98 4.07 14.15
N ASN A 233 1.69 3.89 13.89
CA ASN A 233 1.07 4.51 12.71
C ASN A 233 -0.19 5.32 13.01
N MET A 234 -0.35 5.74 14.25
CA MET A 234 -1.42 6.66 14.65
C MET A 234 -0.95 7.70 15.66
N THR A 235 -1.42 8.92 15.50
CA THR A 235 -1.13 10.04 16.39
C THR A 235 -2.41 10.64 16.98
N GLY A 236 -2.30 11.20 18.18
CA GLY A 236 -3.42 11.88 18.81
C GLY A 236 -2.95 13.12 19.54
N ALA A 237 -3.82 14.10 19.68
CA ALA A 237 -3.45 15.34 20.34
C ALA A 237 -4.64 15.90 21.09
N LEU A 238 -4.34 16.65 22.15
CA LEU A 238 -5.35 17.42 22.87
C LEU A 238 -5.12 18.90 22.59
N ILE A 239 -6.19 19.59 22.18
CA ILE A 239 -6.18 21.04 22.03
C ILE A 239 -7.10 21.72 23.03
N HIS A 240 -6.59 22.73 23.74
CA HIS A 240 -7.41 23.52 24.65
C HIS A 240 -7.51 24.94 24.09
N LEU A 241 -8.72 25.43 23.83
CA LEU A 241 -8.89 26.74 23.22
C LEU A 241 -9.65 27.73 24.11
N GLU A 242 -8.99 28.84 24.42
CA GLU A 242 -9.60 29.94 25.17
C GLU A 242 -10.71 30.60 24.34
N PRO A 243 -11.68 31.27 25.01
CA PRO A 243 -12.73 31.94 24.20
C PRO A 243 -12.14 32.92 23.19
N GLY A 244 -12.59 32.85 21.94
CA GLY A 244 -12.13 33.81 20.92
C GLY A 244 -10.93 33.39 20.09
N ALA A 245 -10.20 32.39 20.57
CA ALA A 245 -8.95 31.95 19.95
C ALA A 245 -9.19 30.92 18.84
N MET A 246 -8.17 30.70 18.01
CA MET A 246 -8.28 29.66 16.99
C MET A 246 -6.94 28.92 16.78
N ARG A 247 -7.04 27.69 16.27
CA ARG A 247 -5.90 27.01 15.66
C ARG A 247 -5.76 27.61 14.28
N GLN A 248 -4.57 28.08 13.92
CA GLN A 248 -4.41 28.79 12.66
C GLN A 248 -4.79 27.91 11.47
N LEU A 249 -4.97 28.53 10.31
CA LEU A 249 -5.23 27.77 9.08
C LEU A 249 -4.06 26.85 8.73
N HIS A 250 -4.36 25.60 8.42
CA HIS A 250 -3.32 24.66 8.04
C HIS A 250 -3.88 23.48 7.25
N TRP A 251 -2.99 22.63 6.76
CA TRP A 251 -3.41 21.33 6.22
C TRP A 251 -2.40 20.27 6.65
N HIS A 252 -2.81 19.00 6.66
CA HIS A 252 -1.85 17.92 6.92
C HIS A 252 -1.56 17.16 5.64
N PRO A 253 -0.29 17.15 5.19
CA PRO A 253 0.08 16.48 3.93
C PRO A 253 -0.19 14.98 3.90
N ASN A 254 -0.08 14.32 5.05
CA ASN A 254 0.04 12.87 5.08
C ASN A 254 -1.01 12.11 5.87
N ALA A 255 -2.02 12.79 6.39
CA ALA A 255 -2.99 12.14 7.28
C ALA A 255 -4.39 12.74 7.27
N ASP A 256 -5.37 11.91 7.58
CA ASP A 256 -6.72 12.38 7.90
C ASP A 256 -6.78 12.84 9.37
N GLU A 257 -7.75 13.67 9.74
CA GLU A 257 -7.87 14.11 11.12
C GLU A 257 -9.29 13.80 11.57
N TRP A 258 -9.42 13.02 12.63
CA TRP A 258 -10.71 12.71 13.24
C TRP A 258 -10.77 13.48 14.56
N GLN A 259 -11.92 14.09 14.84
CA GLN A 259 -12.08 14.97 16.00
C GLN A 259 -13.26 14.65 16.92
N TYR A 260 -13.07 14.91 18.19
CA TYR A 260 -14.15 14.75 19.15
C TYR A 260 -14.07 15.82 20.22
N VAL A 261 -15.21 16.47 20.47
CA VAL A 261 -15.30 17.59 21.38
C VAL A 261 -15.49 17.13 22.82
N LEU A 262 -14.45 17.26 23.63
CA LEU A 262 -14.53 16.78 25.01
C LEU A 262 -15.46 17.64 25.86
N ASP A 263 -15.44 18.95 25.62
CA ASP A 263 -16.38 19.92 26.23
C ASP A 263 -16.24 21.24 25.51
N GLY A 264 -17.24 22.11 25.67
CA GLY A 264 -17.29 23.39 24.96
C GLY A 264 -18.00 23.28 23.62
N GLU A 265 -17.88 24.32 22.80
CA GLU A 265 -18.44 24.34 21.44
C GLU A 265 -17.33 24.68 20.47
N MET A 266 -17.25 23.97 19.36
CA MET A 266 -16.13 24.17 18.47
C MET A 266 -16.68 24.59 17.12
N ASP A 267 -16.11 25.64 16.53
CA ASP A 267 -16.41 25.97 15.14
C ASP A 267 -15.30 25.41 14.26
N LEU A 268 -15.67 24.71 13.19
CA LEU A 268 -14.67 24.14 12.30
C LEU A 268 -14.95 24.60 10.88
N THR A 269 -13.89 24.93 10.15
CA THR A 269 -14.05 25.31 8.75
C THR A 269 -13.16 24.42 7.92
N VAL A 270 -13.56 24.14 6.70
CA VAL A 270 -12.88 23.13 5.90
C VAL A 270 -12.90 23.54 4.45
N PHE A 271 -11.74 23.50 3.83
CA PHE A 271 -11.59 23.89 2.44
C PHE A 271 -11.21 22.66 1.59
N ALA A 272 -12.13 22.20 0.73
CA ALA A 272 -11.84 21.18 -0.29
C ALA A 272 -11.23 22.03 -1.36
N SER A 273 -10.93 21.56 -2.54
CA SER A 273 -10.45 22.54 -3.48
C SER A 273 -11.64 23.18 -4.19
N GLU A 274 -11.41 23.74 -5.38
CA GLU A 274 -12.48 24.08 -6.32
C GLU A 274 -13.57 24.97 -5.74
N GLY A 275 -13.17 25.97 -4.97
CA GLY A 275 -14.14 26.90 -4.44
C GLY A 275 -15.26 26.25 -3.64
N LYS A 276 -14.98 25.14 -2.97
CA LYS A 276 -15.96 24.53 -2.08
C LYS A 276 -15.45 24.58 -0.65
N ALA A 277 -16.32 24.86 0.31
CA ALA A 277 -15.90 24.98 1.69
C ALA A 277 -17.09 24.93 2.64
N SER A 278 -16.82 24.57 3.90
CA SER A 278 -17.87 24.49 4.90
C SER A 278 -17.41 25.16 6.16
N VAL A 279 -18.35 25.38 7.05
CA VAL A 279 -18.08 25.93 8.36
C VAL A 279 -19.29 25.45 9.14
N SER A 280 -19.11 25.12 10.42
CA SER A 280 -20.25 24.66 11.23
C SER A 280 -19.82 24.36 12.64
N ARG A 281 -20.79 24.21 13.54
CA ARG A 281 -20.49 24.13 14.97
C ARG A 281 -20.63 22.71 15.50
N LEU A 282 -19.82 22.36 16.50
CA LEU A 282 -19.92 21.06 17.11
C LEU A 282 -20.15 21.22 18.59
N GLN A 283 -21.13 20.48 19.11
CA GLN A 283 -21.41 20.47 20.54
C GLN A 283 -20.53 19.44 21.28
N GLN A 284 -20.48 19.52 22.60
CA GLN A 284 -19.76 18.50 23.35
C GLN A 284 -20.21 17.12 22.93
N GLY A 285 -19.24 16.28 22.58
CA GLY A 285 -19.53 14.91 22.19
C GLY A 285 -19.80 14.74 20.71
N ASP A 286 -19.70 15.83 19.95
CA ASP A 286 -19.89 15.75 18.50
C ASP A 286 -18.57 15.34 17.84
N VAL A 287 -18.63 14.96 16.57
CA VAL A 287 -17.44 14.45 15.90
C VAL A 287 -17.13 15.23 14.62
N GLY A 288 -15.85 15.47 14.36
CA GLY A 288 -15.44 16.08 13.10
C GLY A 288 -14.46 15.19 12.35
N TYR A 289 -14.31 15.44 11.04
CA TYR A 289 -13.37 14.69 10.19
C TYR A 289 -12.81 15.55 9.04
N VAL A 290 -11.50 15.77 9.03
CA VAL A 290 -10.87 16.51 7.93
C VAL A 290 -10.04 15.57 7.05
N PRO A 291 -10.46 15.37 5.78
CA PRO A 291 -9.70 14.49 4.88
C PRO A 291 -8.29 15.02 4.63
N LYS A 292 -7.35 14.10 4.46
CA LYS A 292 -5.97 14.41 4.11
C LYS A 292 -5.85 15.57 3.11
N GLY A 293 -5.03 16.57 3.44
CA GLY A 293 -4.74 17.65 2.50
C GLY A 293 -5.71 18.80 2.51
N TYR A 294 -6.90 18.62 3.07
CA TYR A 294 -7.87 19.71 3.07
C TYR A 294 -7.41 20.81 4.01
N GLY A 295 -7.63 22.04 3.59
CA GLY A 295 -7.31 23.20 4.42
C GLY A 295 -8.36 23.35 5.50
N HIS A 296 -7.93 23.72 6.70
CA HIS A 296 -8.87 23.83 7.79
C HIS A 296 -8.34 24.67 8.96
N ALA A 297 -9.25 24.98 9.88
CA ALA A 297 -8.96 25.82 11.03
C ALA A 297 -10.11 25.63 11.99
N ILE A 298 -9.84 25.80 13.28
CA ILE A 298 -10.89 25.67 14.27
C ILE A 298 -10.86 26.81 15.28
N ARG A 299 -12.05 27.37 15.52
CA ARG A 299 -12.21 28.56 16.37
C ARG A 299 -13.23 28.32 17.47
N ASN A 300 -12.90 28.80 18.66
CA ASN A 300 -13.80 28.85 19.81
C ASN A 300 -14.56 30.18 19.80
N SER A 301 -15.84 30.13 19.45
CA SER A 301 -16.67 31.32 19.39
C SER A 301 -17.55 31.51 20.61
N SER A 302 -17.52 30.55 21.53
CA SER A 302 -18.32 30.60 22.73
C SER A 302 -17.72 31.53 23.79
N GLN A 303 -18.47 31.72 24.87
CA GLN A 303 -17.97 32.41 26.06
C GLN A 303 -17.13 31.49 26.96
N LYS A 304 -17.10 30.20 26.68
CA LYS A 304 -16.44 29.25 27.58
C LYS A 304 -15.27 28.51 26.92
N PRO A 305 -14.41 27.86 27.75
CA PRO A 305 -13.25 27.17 27.18
C PRO A 305 -13.69 25.96 26.34
N LEU A 306 -12.77 25.45 25.52
CA LEU A 306 -13.06 24.36 24.60
C LEU A 306 -11.96 23.28 24.64
N ASP A 307 -12.34 22.01 24.74
CA ASP A 307 -11.35 20.92 24.66
C ASP A 307 -11.72 19.82 23.70
N ILE A 308 -10.80 19.49 22.81
CA ILE A 308 -11.04 18.44 21.85
C ILE A 308 -9.85 17.49 21.79
N VAL A 309 -10.12 16.24 21.44
CA VAL A 309 -9.07 15.31 21.12
C VAL A 309 -9.16 15.03 19.62
N VAL A 310 -8.02 15.09 18.93
CA VAL A 310 -7.96 14.72 17.52
C VAL A 310 -6.98 13.57 17.33
N VAL A 311 -7.20 12.79 16.27
CA VAL A 311 -6.44 11.60 16.01
C VAL A 311 -6.10 11.56 14.52
N PHE A 312 -4.86 11.20 14.19
CA PHE A 312 -4.44 11.09 12.79
C PHE A 312 -4.03 9.67 12.44
N ASN A 313 -4.40 9.23 11.24
CA ASN A 313 -4.02 7.88 10.82
C ASN A 313 -2.61 7.84 10.28
N ASP A 314 -1.68 8.41 11.04
CA ASP A 314 -0.29 8.32 10.70
C ASP A 314 0.60 8.58 11.91
N GLY A 315 1.69 7.83 12.05
CA GLY A 315 2.53 7.95 13.24
C GLY A 315 3.45 9.16 13.22
N ASP A 316 3.45 9.86 12.09
CA ASP A 316 4.32 11.01 11.93
C ASP A 316 3.48 12.26 11.71
N TYR A 317 3.37 13.08 12.74
CA TYR A 317 2.55 14.27 12.68
C TYR A 317 3.15 15.33 11.77
N GLN A 318 2.39 15.71 10.74
CA GLN A 318 2.84 16.70 9.76
C GLN A 318 1.79 17.80 9.56
N SER A 319 2.24 19.05 9.71
CA SER A 319 1.37 20.22 9.60
C SER A 319 2.10 21.27 8.79
N ILE A 320 1.38 21.96 7.90
CA ILE A 320 1.90 23.16 7.26
C ILE A 320 0.91 24.28 7.56
N ASP A 321 1.27 25.23 8.42
CA ASP A 321 0.37 26.35 8.75
C ASP A 321 0.43 27.41 7.68
N LEU A 322 -0.69 28.09 7.45
CA LEU A 322 -0.71 29.11 6.43
C LEU A 322 0.41 30.08 6.68
N SER A 323 0.53 30.54 7.93
CA SER A 323 1.55 31.51 8.26
C SER A 323 2.97 31.05 7.94
N THR A 324 3.30 29.82 8.34
CA THR A 324 4.64 29.28 8.04
C THR A 324 4.90 29.30 6.55
N TRP A 325 3.87 28.92 5.79
CA TRP A 325 3.97 28.84 4.35
C TRP A 325 4.23 30.21 3.73
N LEU A 326 3.36 31.17 4.02
CA LEU A 326 3.54 32.53 3.52
C LEU A 326 4.88 33.11 3.98
N ALA A 327 5.24 32.95 5.25
CA ALA A 327 6.51 33.48 5.78
C ALA A 327 7.72 33.04 4.99
N SER A 328 7.64 31.84 4.42
CA SER A 328 8.76 31.25 3.69
C SER A 328 8.96 31.78 2.27
N ASN A 329 8.01 32.56 1.76
CA ASN A 329 8.09 33.05 0.39
C ASN A 329 8.52 34.51 0.32
N PRO A 330 9.20 34.91 -0.77
CA PRO A 330 9.66 36.30 -0.93
C PRO A 330 8.54 37.23 -1.34
N SER A 331 8.65 38.51 -0.99
CA SER A 331 7.60 39.50 -1.27
C SER A 331 7.01 39.37 -2.66
N SER A 332 7.87 39.31 -3.66
CA SER A 332 7.41 39.35 -5.04
C SER A 332 6.38 38.23 -5.32
N VAL A 333 6.71 37.00 -4.92
CA VAL A 333 5.83 35.83 -5.08
C VAL A 333 4.47 36.07 -4.42
N LEU A 334 4.49 36.50 -3.16
CA LEU A 334 3.26 36.77 -2.39
C LEU A 334 2.39 37.86 -3.02
N GLY A 335 3.01 38.98 -3.40
CA GLY A 335 2.32 40.10 -4.00
C GLY A 335 1.69 39.67 -5.31
N ASN A 336 2.39 38.83 -6.05
CA ASN A 336 1.89 38.33 -7.34
C ASN A 336 0.71 37.37 -7.13
N THR A 337 0.83 36.51 -6.13
CA THR A 337 -0.18 35.51 -5.89
C THR A 337 -1.46 36.19 -5.42
N PHE A 338 -1.30 37.04 -4.41
CA PHE A 338 -2.44 37.70 -3.83
C PHE A 338 -2.89 38.96 -4.59
N GLN A 339 -2.09 39.40 -5.57
CA GLN A 339 -2.43 40.59 -6.35
C GLN A 339 -2.75 41.77 -5.45
N ILE A 340 -1.79 42.12 -4.60
CA ILE A 340 -1.95 43.18 -3.61
C ILE A 340 -0.72 44.09 -3.64
N SER A 341 -0.86 45.29 -3.12
CA SER A 341 0.20 46.30 -3.17
C SER A 341 1.41 45.87 -2.34
N PRO A 342 2.61 46.29 -2.75
CA PRO A 342 3.78 45.98 -1.91
C PRO A 342 3.62 46.35 -0.44
N GLU A 343 2.92 47.46 -0.12
CA GLU A 343 2.73 47.87 1.29
C GLU A 343 1.97 46.78 2.06
N LEU A 344 0.92 46.24 1.45
CA LEU A 344 0.16 45.16 2.08
C LEU A 344 0.96 43.85 2.14
N THR A 345 1.78 43.60 1.12
CA THR A 345 2.57 42.38 1.06
C THR A 345 3.43 42.16 2.31
N LYS A 346 4.10 43.23 2.75
CA LYS A 346 5.03 43.13 3.87
C LYS A 346 4.28 42.91 5.17
N LYS A 347 2.96 43.00 5.12
CA LYS A 347 2.17 42.79 6.31
C LYS A 347 1.62 41.39 6.42
N LEU A 348 2.05 40.50 5.53
CA LEU A 348 1.70 39.08 5.62
C LEU A 348 2.51 38.44 6.73
N PRO A 349 2.14 37.23 7.16
CA PRO A 349 2.75 36.64 8.37
C PRO A 349 4.25 36.47 8.23
N VAL A 350 4.99 36.77 9.29
CA VAL A 350 6.43 36.54 9.27
C VAL A 350 6.89 35.41 10.20
N GLN A 351 5.97 34.87 10.99
CA GLN A 351 6.28 33.80 11.94
C GLN A 351 5.01 33.04 12.25
N ASP A 352 5.13 31.89 12.90
CA ASP A 352 3.98 31.04 13.05
C ASP A 352 3.70 30.74 14.52
N THR A 353 2.62 31.28 15.09
CA THR A 353 2.38 31.04 16.50
C THR A 353 1.37 29.91 16.79
N ILE A 354 1.01 29.13 15.78
CA ILE A 354 0.09 27.97 15.91
C ILE A 354 -1.35 28.39 16.21
N PHE A 355 -1.56 29.00 17.38
CA PHE A 355 -2.86 29.59 17.68
C PHE A 355 -2.84 31.06 17.32
N SER A 356 -4.03 31.65 17.19
CA SER A 356 -4.17 33.09 16.98
C SER A 356 -5.13 33.64 18.02
N LEU A 357 -4.79 34.81 18.57
CA LEU A 357 -5.54 35.38 19.71
C LEU A 357 -6.61 36.36 19.27
N PRO A 358 -7.69 36.51 20.07
CA PRO A 358 -8.63 37.58 19.72
C PRO A 358 -7.95 38.90 20.07
N THR A 359 -8.36 40.00 19.45
CA THR A 359 -7.60 41.23 19.66
C THR A 359 -7.54 41.65 21.15
N GLN A 360 -6.36 42.15 21.55
CA GLN A 360 -6.05 42.56 22.95
C GLN A 360 -6.68 43.87 23.41
N PRO A 361 -7.00 43.95 24.72
CA PRO A 361 -7.41 45.21 25.46
C PRO A 361 -6.51 46.46 25.20
N TRP B 6 3.38 -2.60 -40.56
CA TRP B 6 4.37 -3.46 -39.82
C TRP B 6 3.89 -4.95 -39.72
N ARG B 7 4.47 -5.89 -40.51
CA ARG B 7 4.05 -7.31 -40.43
C ARG B 7 4.61 -7.98 -39.17
N SER B 8 3.95 -9.05 -38.70
CA SER B 8 4.38 -9.80 -37.48
C SER B 8 4.27 -11.31 -37.71
N LEU B 9 5.00 -12.13 -36.96
CA LEU B 9 4.90 -13.58 -37.18
C LEU B 9 3.50 -14.17 -36.93
N SER B 10 2.78 -13.58 -35.97
CA SER B 10 1.45 -14.05 -35.56
C SER B 10 0.36 -13.41 -36.41
N ASN B 11 0.68 -12.29 -37.05
CA ASN B 11 -0.33 -11.49 -37.77
C ASN B 11 -1.37 -10.86 -36.86
N VAL B 12 -1.01 -10.68 -35.59
CA VAL B 12 -1.90 -10.04 -34.63
C VAL B 12 -2.51 -8.79 -35.25
N VAL B 13 -3.79 -8.56 -34.95
CA VAL B 13 -4.42 -7.34 -35.42
C VAL B 13 -4.05 -6.27 -34.42
N TRP B 14 -3.04 -5.47 -34.73
CA TRP B 14 -2.52 -4.49 -33.75
C TRP B 14 -3.63 -3.69 -33.09
N GLY B 15 -3.49 -3.44 -31.80
CA GLY B 15 -4.47 -2.64 -31.09
C GLY B 15 -5.64 -3.45 -30.60
N LYS B 16 -5.99 -4.52 -31.31
CA LYS B 16 -7.19 -5.29 -30.98
C LYS B 16 -7.25 -5.74 -29.51
N ASP B 17 -8.42 -5.55 -28.91
CA ASP B 17 -8.67 -5.92 -27.51
C ASP B 17 -7.78 -5.22 -26.51
N LEU B 18 -7.29 -4.04 -26.87
CA LEU B 18 -6.37 -3.26 -26.01
C LEU B 18 -6.79 -1.81 -25.95
N PRO B 19 -6.49 -1.12 -24.85
CA PRO B 19 -6.73 0.32 -24.86
C PRO B 19 -5.66 1.03 -25.69
N ALA B 20 -5.91 2.29 -26.05
CA ALA B 20 -4.88 3.09 -26.70
C ALA B 20 -3.69 3.22 -25.73
N PHE B 21 -2.48 3.10 -26.28
CA PHE B 21 -1.26 3.29 -25.48
C PHE B 21 -0.63 4.62 -25.82
N THR B 22 -1.21 5.32 -26.79
CA THR B 22 -0.77 6.67 -27.10
C THR B 22 -1.94 7.68 -27.11
N TYR B 23 -1.61 8.94 -26.89
CA TYR B 23 -2.61 9.99 -26.88
C TYR B 23 -2.13 11.21 -27.70
N ALA B 24 -2.99 11.71 -28.58
CA ALA B 24 -2.62 12.81 -29.47
C ALA B 24 -2.51 14.17 -28.73
N PHE B 25 -1.68 14.22 -27.69
CA PHE B 25 -1.56 15.39 -26.83
C PHE B 25 -1.25 16.66 -27.60
N SER B 26 -0.47 16.53 -28.66
CA SER B 26 -0.11 17.67 -29.49
C SER B 26 -1.34 18.42 -29.97
N LYS B 27 -2.46 17.71 -30.16
CA LYS B 27 -3.66 18.38 -30.62
C LYS B 27 -4.65 18.71 -29.51
N THR B 28 -4.26 18.70 -28.24
CA THR B 28 -5.18 19.15 -27.20
C THR B 28 -5.13 20.67 -27.08
N PRO B 29 -6.30 21.33 -27.19
CA PRO B 29 -6.34 22.78 -27.04
C PRO B 29 -5.73 23.22 -25.70
N LEU B 30 -4.96 24.31 -25.73
CA LEU B 30 -4.46 24.95 -24.51
C LEU B 30 -5.55 25.74 -23.80
N VAL B 31 -5.55 25.75 -22.47
CA VAL B 31 -6.39 26.69 -21.71
C VAL B 31 -5.56 27.96 -21.40
N LEU B 32 -6.09 29.14 -21.78
CA LEU B 32 -5.33 30.41 -21.75
C LEU B 32 -5.45 31.14 -20.42
N TYR B 33 -4.33 31.57 -19.84
CA TYR B 33 -4.35 32.40 -18.62
C TYR B 33 -3.57 33.70 -18.81
N ASP B 34 -3.53 34.54 -17.80
CA ASP B 34 -2.88 35.83 -17.98
C ASP B 34 -1.34 35.68 -17.96
N GLY B 35 -0.77 35.37 -19.13
CA GLY B 35 0.65 35.12 -19.23
C GLY B 35 1.07 33.65 -19.08
N GLY B 36 0.12 32.73 -19.22
CA GLY B 36 0.44 31.31 -19.09
C GLY B 36 -0.57 30.42 -19.82
N THR B 37 -0.11 29.27 -20.29
CA THR B 37 -1.01 28.39 -20.99
C THR B 37 -0.88 27.02 -20.37
N THR B 38 -1.87 26.14 -20.59
CA THR B 38 -1.82 24.81 -19.97
C THR B 38 -2.84 23.81 -20.50
N LYS B 39 -2.43 22.55 -20.59
CA LYS B 39 -3.30 21.44 -20.99
C LYS B 39 -2.80 20.21 -20.26
N GLN B 40 -3.56 19.11 -20.29
CA GLN B 40 -3.29 17.98 -19.40
C GLN B 40 -3.82 16.65 -19.92
N VAL B 41 -3.14 15.55 -19.59
CA VAL B 41 -3.62 14.22 -19.98
C VAL B 41 -3.60 13.24 -18.82
N GLY B 42 -4.77 12.78 -18.44
CA GLY B 42 -4.90 11.76 -17.39
C GLY B 42 -5.91 10.70 -17.80
N THR B 43 -6.38 9.91 -16.82
CA THR B 43 -7.33 8.85 -17.13
C THR B 43 -8.64 9.39 -17.66
N TYR B 44 -8.97 10.63 -17.33
CA TYR B 44 -10.20 11.24 -17.82
C TYR B 44 -10.22 11.30 -19.36
N ASN B 45 -9.09 11.46 -20.00
CA ASN B 45 -9.11 11.47 -21.47
C ASN B 45 -8.24 10.39 -22.13
N PHE B 46 -7.52 9.63 -21.33
CA PHE B 46 -6.52 8.67 -21.80
C PHE B 46 -6.63 7.56 -20.81
N PRO B 47 -7.61 6.68 -21.00
CA PRO B 47 -7.99 5.73 -19.94
C PRO B 47 -6.86 4.84 -19.39
N VAL B 48 -5.88 4.50 -20.19
CA VAL B 48 -4.85 3.55 -19.75
C VAL B 48 -3.89 4.14 -18.71
N SER B 49 -3.79 5.46 -18.67
CA SER B 49 -2.75 6.19 -17.93
C SER B 49 -3.03 6.22 -16.43
N LYS B 50 -3.13 5.06 -15.79
CA LYS B 50 -3.57 4.99 -14.40
C LYS B 50 -2.61 5.56 -13.37
N GLY B 51 -1.33 5.30 -13.53
CA GLY B 51 -0.36 5.60 -12.48
C GLY B 51 0.24 6.99 -12.53
N MET B 52 0.05 7.68 -13.64
CA MET B 52 0.66 8.98 -13.82
C MET B 52 -0.15 9.81 -14.80
N ALA B 53 -0.35 11.08 -14.48
CA ALA B 53 -0.96 12.04 -15.39
C ALA B 53 0.10 13.09 -15.73
N GLY B 54 -0.04 13.71 -16.90
CA GLY B 54 0.90 14.73 -17.34
C GLY B 54 0.27 16.08 -17.61
N VAL B 55 1.00 17.15 -17.31
CA VAL B 55 0.54 18.50 -17.60
C VAL B 55 1.60 19.27 -18.38
N TYR B 56 1.17 19.88 -19.49
CA TYR B 56 2.00 20.84 -20.19
C TYR B 56 1.69 22.24 -19.64
N MET B 57 2.72 23.01 -19.33
CA MET B 57 2.47 24.37 -18.88
C MET B 57 3.48 25.35 -19.40
N SER B 58 3.04 26.57 -19.68
CA SER B 58 3.95 27.65 -20.03
C SER B 58 3.72 28.91 -19.17
N LEU B 59 4.80 29.58 -18.83
CA LEU B 59 4.71 30.86 -18.13
C LEU B 59 5.59 31.92 -18.82
N GLU B 60 5.02 33.10 -18.99
CA GLU B 60 5.73 34.28 -19.49
C GLU B 60 6.64 34.83 -18.40
N PRO B 61 7.54 35.77 -18.77
CA PRO B 61 8.35 36.43 -17.74
C PRO B 61 7.42 37.03 -16.70
N GLY B 62 7.67 36.73 -15.43
CA GLY B 62 6.89 37.32 -14.36
C GLY B 62 5.53 36.68 -14.15
N ALA B 63 5.13 35.76 -15.02
CA ALA B 63 3.90 35.02 -14.72
C ALA B 63 4.20 33.95 -13.68
N ILE B 64 3.40 33.93 -12.61
CA ILE B 64 3.57 32.92 -11.58
C ILE B 64 2.37 31.99 -11.56
N ARG B 65 2.65 30.69 -11.38
CA ARG B 65 1.64 29.70 -11.04
C ARG B 65 1.51 29.78 -9.52
N GLU B 66 0.38 30.27 -9.04
CA GLU B 66 0.27 30.70 -7.64
C GLU B 66 0.60 29.62 -6.62
N LEU B 67 0.94 30.06 -5.41
CA LEU B 67 1.16 29.17 -4.29
C LEU B 67 0.01 28.17 -4.11
N HIS B 68 0.28 26.88 -4.33
CA HIS B 68 -0.72 25.84 -4.15
C HIS B 68 -0.12 24.56 -3.59
N TRP B 69 -0.96 23.55 -3.39
CA TRP B 69 -0.52 22.22 -2.92
C TRP B 69 -1.48 21.10 -3.32
N HIS B 70 -0.98 19.87 -3.36
CA HIS B 70 -1.84 18.75 -3.68
C HIS B 70 -1.35 17.47 -2.99
N ALA B 71 -2.07 17.05 -1.95
CA ALA B 71 -1.66 15.90 -1.14
C ALA B 71 -1.86 14.58 -1.87
N ASN B 72 -2.80 14.58 -2.82
CA ASN B 72 -3.15 13.39 -3.56
C ASN B 72 -2.07 12.94 -4.57
N ALA B 73 -1.05 13.78 -4.79
CA ALA B 73 -0.05 13.46 -5.81
C ALA B 73 1.29 14.20 -5.66
N ALA B 74 2.36 13.54 -6.10
CA ALA B 74 3.68 14.12 -6.17
C ALA B 74 3.91 14.72 -7.56
N GLU B 75 4.83 15.69 -7.66
CA GLU B 75 5.06 16.49 -8.89
C GLU B 75 6.51 16.41 -9.35
N TRP B 76 6.74 15.76 -10.49
CA TRP B 76 8.06 15.67 -11.12
C TRP B 76 8.01 16.50 -12.38
N ALA B 77 8.95 17.42 -12.59
CA ALA B 77 8.90 18.33 -13.73
C ALA B 77 10.17 18.31 -14.59
N TYR B 78 10.01 18.41 -15.89
CA TYR B 78 11.17 18.61 -16.75
C TYR B 78 10.99 19.93 -17.50
N VAL B 79 12.00 20.79 -17.48
CA VAL B 79 11.89 22.08 -18.17
C VAL B 79 12.37 22.02 -19.61
N MET B 80 11.44 22.18 -20.55
CA MET B 80 11.73 22.05 -22.01
C MET B 80 12.43 23.25 -22.62
N GLU B 81 11.97 24.46 -22.29
CA GLU B 81 12.51 25.68 -22.85
C GLU B 81 12.53 26.77 -21.78
N GLY B 82 13.56 27.62 -21.80
CA GLY B 82 13.57 28.80 -20.94
C GLY B 82 14.03 28.56 -19.51
N ARG B 83 13.48 29.34 -18.59
CA ARG B 83 13.96 29.41 -17.21
C ARG B 83 12.81 29.63 -16.23
N THR B 84 12.82 28.94 -15.10
CA THR B 84 11.81 29.17 -14.06
C THR B 84 12.46 29.35 -12.70
N ARG B 85 11.68 29.81 -11.73
CA ARG B 85 12.05 29.72 -10.33
C ARG B 85 10.92 29.06 -9.52
N ILE B 86 11.28 28.15 -8.61
CA ILE B 86 10.26 27.44 -7.84
C ILE B 86 10.42 27.82 -6.38
N THR B 87 9.37 27.64 -5.60
CA THR B 87 9.51 27.68 -4.14
C THR B 87 8.80 26.46 -3.60
N LEU B 88 9.37 25.86 -2.56
CA LEU B 88 8.87 24.62 -2.01
C LEU B 88 8.97 24.68 -0.50
N THR B 89 7.84 24.56 0.20
CA THR B 89 7.85 24.58 1.66
C THR B 89 7.45 23.22 2.27
N SER B 90 8.28 22.72 3.18
CA SER B 90 8.11 21.37 3.70
C SER B 90 7.29 21.41 4.98
N PRO B 91 6.78 20.25 5.42
CA PRO B 91 6.07 20.09 6.67
C PRO B 91 6.87 20.48 7.90
N GLU B 92 8.12 20.90 7.72
CA GLU B 92 8.85 21.44 8.84
C GLU B 92 9.27 22.87 8.62
N GLY B 93 8.40 23.67 8.04
CA GLY B 93 8.71 25.06 7.84
C GLY B 93 10.06 25.29 7.16
N LYS B 94 10.50 24.34 6.35
CA LYS B 94 11.74 24.54 5.58
C LYS B 94 11.44 24.90 4.14
N VAL B 95 12.32 25.67 3.52
CA VAL B 95 12.04 26.15 2.17
C VAL B 95 13.22 25.98 1.22
N GLU B 96 12.92 25.67 -0.03
CA GLU B 96 13.91 25.78 -1.08
C GLU B 96 13.41 26.82 -2.04
N ILE B 97 14.29 27.74 -2.41
CA ILE B 97 13.99 28.70 -3.46
C ILE B 97 15.10 28.58 -4.48
N ALA B 98 14.77 28.12 -5.69
CA ALA B 98 15.80 27.84 -6.68
C ALA B 98 15.35 28.09 -8.11
N ASP B 99 16.34 28.32 -8.96
CA ASP B 99 16.10 28.46 -10.38
C ASP B 99 16.15 27.07 -10.99
N VAL B 100 15.28 26.82 -11.95
CA VAL B 100 15.36 25.58 -12.71
C VAL B 100 15.31 25.96 -14.18
N ASP B 101 16.37 25.68 -14.92
CA ASP B 101 16.43 26.07 -16.33
C ASP B 101 16.25 24.89 -17.23
N LYS B 102 16.33 25.15 -18.53
CA LYS B 102 16.07 24.13 -19.54
C LYS B 102 16.88 22.85 -19.29
N GLY B 103 16.21 21.72 -19.25
CA GLY B 103 16.87 20.46 -18.97
C GLY B 103 16.97 20.11 -17.49
N GLY B 104 16.34 20.92 -16.65
CA GLY B 104 16.36 20.71 -15.20
C GLY B 104 15.07 20.11 -14.67
N LEU B 105 15.15 19.44 -13.54
CA LEU B 105 13.99 18.82 -12.94
C LEU B 105 13.67 19.51 -11.63
N TRP B 106 12.42 19.40 -11.19
CA TRP B 106 12.11 19.56 -9.77
C TRP B 106 11.20 18.42 -9.33
N TYR B 107 11.15 18.20 -8.02
CA TYR B 107 10.25 17.21 -7.44
C TYR B 107 9.59 17.79 -6.20
N PHE B 108 8.27 17.91 -6.23
CA PHE B 108 7.53 18.41 -5.08
C PHE B 108 6.78 17.26 -4.43
N PRO B 109 7.20 16.88 -3.21
CA PRO B 109 6.54 15.78 -2.48
C PRO B 109 5.07 16.07 -2.16
N ARG B 110 4.21 15.07 -2.29
CA ARG B 110 2.78 15.21 -1.97
C ARG B 110 2.44 16.21 -0.86
N GLY B 111 1.64 17.22 -1.17
CA GLY B 111 1.15 18.06 -0.12
C GLY B 111 2.11 19.08 0.43
N TRP B 112 3.35 19.10 -0.04
CA TRP B 112 4.22 20.24 0.24
C TRP B 112 3.79 21.43 -0.63
N GLY B 113 3.86 22.62 -0.06
CA GLY B 113 3.37 23.82 -0.74
C GLY B 113 4.41 24.40 -1.68
N HIS B 114 3.98 24.86 -2.84
CA HIS B 114 4.92 25.29 -3.87
C HIS B 114 4.42 26.39 -4.80
N SER B 115 5.32 26.92 -5.63
CA SER B 115 4.94 27.86 -6.69
C SER B 115 5.98 27.87 -7.79
N ILE B 116 5.56 28.25 -9.00
CA ILE B 116 6.46 28.32 -10.13
C ILE B 116 6.29 29.65 -10.86
N GLU B 117 7.39 30.39 -10.99
CA GLU B 117 7.39 31.62 -11.79
C GLU B 117 8.26 31.44 -13.04
N GLY B 118 7.78 31.90 -14.18
CA GLY B 118 8.67 32.06 -15.34
C GLY B 118 9.53 33.31 -15.12
N ILE B 119 10.84 33.16 -15.18
CA ILE B 119 11.75 34.32 -15.10
C ILE B 119 12.24 34.60 -16.52
N GLY B 120 13.00 35.66 -16.76
CA GLY B 120 13.32 35.96 -18.19
C GLY B 120 13.98 34.86 -19.04
N PRO B 121 14.26 35.14 -20.31
CA PRO B 121 13.75 36.26 -21.09
C PRO B 121 12.59 35.85 -22.00
N ASP B 122 12.42 34.56 -22.29
CA ASP B 122 11.31 34.25 -23.18
C ASP B 122 10.20 33.44 -22.52
N THR B 123 9.57 32.52 -23.23
CA THR B 123 8.49 31.81 -22.59
C THR B 123 9.04 30.54 -21.95
N ALA B 124 8.80 30.36 -20.65
CA ALA B 124 9.17 29.11 -20.01
C ALA B 124 8.21 28.00 -20.40
N LYS B 125 8.73 26.83 -20.71
CA LYS B 125 7.90 25.70 -21.12
C LYS B 125 8.36 24.44 -20.39
N PHE B 126 7.43 23.81 -19.68
CA PHE B 126 7.79 22.64 -18.91
C PHE B 126 6.70 21.59 -18.85
N LEU B 127 7.11 20.35 -18.52
CA LEU B 127 6.21 19.23 -18.29
C LEU B 127 6.09 18.91 -16.82
N LEU B 128 4.88 18.65 -16.37
CA LEU B 128 4.65 18.25 -15.01
C LEU B 128 4.05 16.85 -15.03
N VAL B 129 4.71 15.88 -14.41
CA VAL B 129 4.19 14.52 -14.36
C VAL B 129 3.82 14.16 -12.92
N PHE B 130 2.61 13.61 -12.73
CA PHE B 130 2.08 13.37 -11.39
C PHE B 130 1.87 11.89 -11.09
N ASN B 131 2.24 11.44 -9.89
CA ASN B 131 2.08 10.01 -9.59
C ASN B 131 0.67 9.64 -9.15
N ASP B 132 -0.30 10.10 -9.94
CA ASP B 132 -1.72 9.77 -9.82
C ASP B 132 -2.35 10.13 -11.15
N GLY B 133 -2.80 9.12 -11.87
CA GLY B 133 -3.36 9.30 -13.21
C GLY B 133 -4.68 10.03 -13.28
N THR B 134 -5.25 10.39 -12.14
CA THR B 134 -6.50 11.15 -12.14
C THR B 134 -6.27 12.59 -11.74
N PHE B 135 -5.02 12.94 -11.43
CA PHE B 135 -4.70 14.32 -11.04
C PHE B 135 -5.12 15.26 -12.13
N SER B 136 -5.65 16.41 -11.74
CA SER B 136 -6.06 17.44 -12.69
C SER B 136 -5.69 18.79 -12.13
N GLU B 137 -5.11 19.63 -12.99
CA GLU B 137 -4.64 20.96 -12.59
C GLU B 137 -5.80 21.82 -12.09
N GLY B 138 -7.03 21.47 -12.49
CA GLY B 138 -8.21 22.17 -12.00
C GLY B 138 -8.61 21.78 -10.59
N ALA B 139 -7.96 20.78 -10.03
CA ALA B 139 -8.33 20.34 -8.67
C ALA B 139 -7.22 20.49 -7.65
N THR B 140 -6.34 21.47 -7.82
CA THR B 140 -5.31 21.71 -6.81
C THR B 140 -5.86 22.58 -5.68
N PHE B 141 -5.07 22.79 -4.64
CA PHE B 141 -5.50 23.61 -3.52
C PHE B 141 -4.83 24.97 -3.60
N SER B 142 -5.59 25.98 -3.99
CA SER B 142 -5.03 27.32 -4.21
C SER B 142 -5.08 28.17 -2.94
N VAL B 143 -3.97 28.79 -2.57
CA VAL B 143 -3.97 29.63 -1.36
C VAL B 143 -4.95 30.79 -1.49
N THR B 144 -5.15 31.29 -2.71
CA THR B 144 -6.08 32.39 -2.89
C THR B 144 -7.50 31.90 -2.78
N ASP B 145 -7.81 30.80 -3.49
CA ASP B 145 -9.06 30.09 -3.32
C ASP B 145 -9.30 29.85 -1.81
N TRP B 146 -8.25 29.39 -1.14
CA TRP B 146 -8.31 29.07 0.28
C TRP B 146 -8.80 30.25 1.08
N LEU B 147 -8.07 31.36 1.02
CA LEU B 147 -8.39 32.54 1.84
C LEU B 147 -9.72 33.23 1.48
N SER B 148 -10.20 33.05 0.26
CA SER B 148 -11.47 33.64 -0.17
C SER B 148 -12.61 32.70 0.18
N HIS B 149 -12.26 31.53 0.69
CA HIS B 149 -13.28 30.59 1.10
C HIS B 149 -13.20 30.19 2.57
N THR B 150 -12.76 31.12 3.41
CA THR B 150 -12.67 30.93 4.86
C THR B 150 -13.45 32.11 5.44
N PRO B 151 -14.12 31.93 6.59
CA PRO B 151 -14.77 33.08 7.19
C PRO B 151 -13.83 34.27 7.32
N ILE B 152 -14.25 35.40 6.76
CA ILE B 152 -13.50 36.66 6.83
C ILE B 152 -12.95 37.00 8.24
N ALA B 153 -13.79 36.98 9.27
CA ALA B 153 -13.31 37.22 10.64
C ALA B 153 -12.12 36.34 11.03
N TRP B 154 -12.09 35.09 10.53
CA TRP B 154 -11.00 34.15 10.84
C TRP B 154 -9.76 34.52 10.02
N VAL B 155 -9.95 34.96 8.79
CA VAL B 155 -8.79 35.41 8.05
C VAL B 155 -8.21 36.64 8.75
N GLU B 156 -9.08 37.49 9.27
CA GLU B 156 -8.63 38.68 10.01
C GLU B 156 -7.75 38.28 11.21
N GLU B 157 -8.28 37.39 12.04
CA GLU B 157 -7.59 36.93 13.25
C GLU B 157 -6.29 36.19 12.92
N ASN B 158 -6.33 35.35 11.88
CA ASN B 158 -5.15 34.59 11.52
C ASN B 158 -4.03 35.51 11.06
N LEU B 159 -4.37 36.59 10.39
CA LEU B 159 -3.34 37.42 9.81
C LEU B 159 -3.06 38.64 10.66
N GLY B 160 -3.86 38.87 11.69
CA GLY B 160 -3.80 40.13 12.43
C GLY B 160 -4.00 41.31 11.48
N TRP B 161 -5.12 41.32 10.77
CA TRP B 161 -5.42 42.29 9.72
C TRP B 161 -6.83 42.84 9.88
N THR B 162 -7.06 44.05 9.38
CA THR B 162 -8.39 44.65 9.47
C THR B 162 -9.26 44.12 8.33
N ALA B 163 -10.58 44.28 8.47
CA ALA B 163 -11.48 43.90 7.38
C ALA B 163 -11.10 44.67 6.09
N ALA B 164 -10.81 45.95 6.23
CA ALA B 164 -10.34 46.74 5.10
C ALA B 164 -9.16 46.04 4.41
N GLN B 165 -8.22 45.49 5.18
CA GLN B 165 -7.02 44.84 4.61
C GLN B 165 -7.33 43.50 3.94
N VAL B 166 -8.22 42.72 4.55
CA VAL B 166 -8.63 41.46 3.95
C VAL B 166 -9.41 41.69 2.64
N ALA B 167 -10.16 42.79 2.55
CA ALA B 167 -11.00 43.01 1.36
C ALA B 167 -10.15 43.07 0.09
N GLN B 168 -8.85 43.27 0.26
CA GLN B 168 -7.93 43.38 -0.86
C GLN B 168 -7.45 42.04 -1.45
N LEU B 169 -7.51 40.96 -0.66
CA LEU B 169 -7.15 39.63 -1.13
C LEU B 169 -8.08 39.17 -2.24
N PRO B 170 -7.63 38.28 -3.12
CA PRO B 170 -8.48 37.85 -4.23
C PRO B 170 -9.80 37.25 -3.77
N LYS B 171 -10.77 37.21 -4.68
CA LYS B 171 -12.14 36.77 -4.34
C LYS B 171 -12.48 35.34 -4.79
N LYS B 172 -11.57 34.74 -5.55
CA LYS B 172 -11.70 33.38 -6.04
C LYS B 172 -10.31 32.85 -6.41
N GLN B 173 -10.22 31.57 -6.76
CA GLN B 173 -8.96 30.97 -7.16
C GLN B 173 -8.24 31.80 -8.23
N VAL B 174 -7.03 32.30 -7.93
CA VAL B 174 -6.26 33.12 -8.89
C VAL B 174 -5.63 32.29 -10.00
N TYR B 175 -5.11 31.13 -9.64
CA TYR B 175 -4.50 30.15 -10.56
C TYR B 175 -3.14 30.55 -11.18
N ILE B 176 -3.15 31.44 -12.16
CA ILE B 176 -1.91 32.02 -12.69
C ILE B 176 -2.01 33.55 -12.67
N SER B 177 -1.00 34.24 -12.15
CA SER B 177 -1.04 35.68 -12.01
C SER B 177 0.09 36.32 -12.76
N SER B 178 -0.17 37.51 -13.31
CA SER B 178 0.89 38.34 -13.86
C SER B 178 0.74 39.70 -13.25
N TYR B 179 0.13 39.77 -12.09
CA TYR B 179 -0.10 41.05 -11.46
C TYR B 179 1.22 41.72 -11.09
N GLY B 180 2.24 40.92 -10.81
CA GLY B 180 3.55 41.46 -10.51
C GLY B 180 3.70 41.62 -9.02
N PRO B 181 4.87 42.09 -8.58
CA PRO B 181 6.00 42.31 -9.50
C PRO B 181 6.68 41.00 -9.91
N ALA B 182 7.20 40.93 -11.13
CA ALA B 182 8.13 39.86 -11.47
C ALA B 182 9.24 39.79 -10.41
N SER B 183 9.75 38.59 -10.16
CA SER B 183 10.78 38.38 -9.16
C SER B 183 12.13 38.89 -9.62
N GLY B 184 13.01 39.22 -8.66
CA GLY B 184 14.32 39.78 -8.99
C GLY B 184 15.40 38.71 -9.01
N PRO B 185 16.66 39.12 -8.84
CA PRO B 185 17.79 38.16 -8.77
C PRO B 185 17.61 37.16 -7.63
N LEU B 186 18.16 35.97 -7.83
CA LEU B 186 17.98 34.87 -6.88
C LEU B 186 18.44 35.23 -5.47
N ALA B 187 19.58 35.90 -5.36
CA ALA B 187 20.13 36.23 -4.03
C ALA B 187 19.19 37.16 -3.24
N SER B 188 18.31 37.88 -3.93
CA SER B 188 17.39 38.80 -3.26
C SER B 188 16.03 38.17 -2.98
N ALA B 189 15.79 36.98 -3.53
CA ALA B 189 14.53 36.28 -3.32
C ALA B 189 14.49 35.67 -1.92
N THR B 190 14.53 36.53 -0.91
CA THR B 190 14.61 36.03 0.45
C THR B 190 13.23 35.89 1.09
N PRO B 191 13.03 34.83 1.90
CA PRO B 191 11.73 34.63 2.55
C PRO B 191 11.42 35.85 3.42
N GLN B 192 10.14 36.12 3.65
CA GLN B 192 9.78 37.33 4.37
C GLN B 192 10.00 37.22 5.89
N GLY B 193 10.07 35.99 6.39
CA GLY B 193 10.35 35.73 7.81
C GLY B 193 11.37 34.61 7.90
N GLN B 194 12.24 34.66 8.91
CA GLN B 194 13.24 33.61 9.19
C GLN B 194 12.71 32.28 8.74
N THR B 195 13.34 31.65 7.77
CA THR B 195 12.97 30.29 7.39
C THR B 195 14.24 29.48 7.18
N ALA B 196 14.36 28.34 7.85
CA ALA B 196 15.46 27.41 7.57
C ALA B 196 15.36 26.90 6.12
N LYS B 197 16.51 26.54 5.53
CA LYS B 197 16.49 26.05 4.15
C LYS B 197 16.38 24.52 4.12
N ILE B 198 15.74 24.02 3.08
CA ILE B 198 15.69 22.60 2.78
C ILE B 198 17.11 22.20 2.37
N GLU B 199 17.65 21.15 2.99
CA GLU B 199 19.05 20.82 2.69
C GLU B 199 19.21 19.73 1.63
N VAL B 200 18.29 18.76 1.61
CA VAL B 200 18.25 17.76 0.53
C VAL B 200 17.73 18.38 -0.81
N PRO B 201 18.57 18.44 -1.85
CA PRO B 201 18.20 19.15 -3.07
C PRO B 201 16.90 18.62 -3.68
N HIS B 202 15.98 19.53 -3.96
CA HIS B 202 14.74 19.12 -4.64
C HIS B 202 14.66 19.58 -6.10
N THR B 203 15.80 19.93 -6.67
CA THR B 203 15.93 20.17 -8.10
C THR B 203 17.17 19.41 -8.57
N HIS B 204 17.41 19.36 -9.88
CA HIS B 204 18.44 18.49 -10.41
C HIS B 204 18.64 18.76 -11.89
N ASN B 205 19.89 18.73 -12.33
CA ASN B 205 20.17 18.90 -13.75
C ASN B 205 20.17 17.54 -14.47
N LEU B 206 19.12 17.30 -15.28
CA LEU B 206 19.02 16.04 -16.03
C LEU B 206 19.77 16.11 -17.34
N LEU B 207 19.41 17.08 -18.17
CA LEU B 207 20.01 17.21 -19.51
C LEU B 207 21.51 17.36 -19.43
N GLY B 208 22.01 17.93 -18.35
CA GLY B 208 23.43 18.17 -18.24
C GLY B 208 24.23 16.96 -17.82
N GLN B 209 23.57 15.87 -17.46
CA GLN B 209 24.28 14.68 -17.03
C GLN B 209 25.09 14.05 -18.15
N GLN B 210 26.17 13.39 -17.78
CA GLN B 210 26.89 12.56 -18.74
C GLN B 210 25.89 11.46 -19.12
N PRO B 211 25.90 11.00 -20.38
CA PRO B 211 24.97 9.92 -20.70
C PRO B 211 25.29 8.68 -19.89
N LEU B 212 24.28 7.91 -19.52
CA LEU B 212 24.48 6.66 -18.79
C LEU B 212 24.87 5.56 -19.77
N VAL B 213 24.37 5.69 -21.00
CA VAL B 213 24.64 4.73 -22.03
C VAL B 213 24.73 5.50 -23.32
N SER B 214 25.71 5.15 -24.14
CA SER B 214 25.99 5.86 -25.38
C SER B 214 26.31 4.83 -26.45
N LEU B 215 25.50 4.69 -27.49
CA LEU B 215 25.87 3.77 -28.57
C LEU B 215 25.59 4.35 -29.95
N GLY B 216 26.65 4.53 -30.72
CA GLY B 216 26.57 5.10 -32.07
C GLY B 216 25.62 6.27 -32.21
N GLY B 217 25.77 7.28 -31.36
CA GLY B 217 24.89 8.45 -31.41
C GLY B 217 23.69 8.37 -30.47
N ASN B 218 23.29 7.15 -30.11
CA ASN B 218 22.14 6.98 -29.22
C ASN B 218 22.53 7.06 -27.73
N GLU B 219 21.69 7.71 -26.93
CA GLU B 219 22.08 8.08 -25.59
C GLU B 219 20.92 8.06 -24.64
N LEU B 220 21.16 7.55 -23.44
CA LEU B 220 20.14 7.57 -22.41
C LEU B 220 20.71 8.32 -21.22
N ARG B 221 19.97 9.28 -20.69
CA ARG B 221 20.37 10.00 -19.49
C ARG B 221 19.33 9.67 -18.43
N LEU B 222 19.77 9.30 -17.24
CA LEU B 222 18.84 8.75 -16.25
C LEU B 222 18.91 9.42 -14.88
N ALA B 223 17.77 9.85 -14.38
CA ALA B 223 17.71 10.38 -13.02
C ALA B 223 16.75 9.55 -12.17
N SER B 224 17.30 8.55 -11.50
CA SER B 224 16.54 7.81 -10.52
C SER B 224 16.86 8.39 -9.14
N ALA B 225 16.49 7.66 -8.10
CA ALA B 225 16.77 8.10 -6.74
C ALA B 225 18.27 8.09 -6.44
N LYS B 226 19.03 7.41 -7.30
CA LYS B 226 20.46 7.31 -7.10
C LYS B 226 21.15 8.60 -7.47
N GLU B 227 20.68 9.26 -8.52
CA GLU B 227 21.27 10.56 -8.83
C GLU B 227 20.47 11.73 -8.29
N PHE B 228 19.21 11.48 -7.96
CA PHE B 228 18.32 12.54 -7.52
C PHE B 228 17.47 12.00 -6.38
N PRO B 229 18.11 11.81 -5.20
CA PRO B 229 17.44 11.11 -4.10
C PRO B 229 16.21 11.87 -3.58
N GLY B 230 16.13 13.16 -3.89
CA GLY B 230 14.97 13.96 -3.49
C GLY B 230 13.71 13.41 -4.10
N SER B 231 13.79 13.05 -5.38
CA SER B 231 12.70 12.39 -6.09
C SER B 231 12.67 10.94 -5.66
N PHE B 232 12.34 10.69 -4.40
CA PHE B 232 12.56 9.38 -3.83
C PHE B 232 11.78 8.25 -4.49
N ASN B 233 10.60 8.54 -5.04
CA ASN B 233 9.80 7.48 -5.65
C ASN B 233 9.40 7.75 -7.11
N MET B 234 10.17 8.56 -7.81
CA MET B 234 9.93 8.79 -9.22
C MET B 234 11.23 8.87 -9.97
N THR B 235 11.26 8.34 -11.18
CA THR B 235 12.45 8.36 -12.02
C THR B 235 12.17 8.96 -13.40
N GLY B 236 13.13 9.69 -13.95
CA GLY B 236 12.94 10.25 -15.27
C GLY B 236 14.14 10.01 -16.15
N ALA B 237 13.91 9.88 -17.46
CA ALA B 237 15.03 9.72 -18.36
C ALA B 237 14.88 10.48 -19.67
N LEU B 238 16.02 10.78 -20.26
CA LEU B 238 16.09 11.36 -21.59
C LEU B 238 16.71 10.35 -22.55
N ILE B 239 15.99 10.06 -23.62
CA ILE B 239 16.49 9.16 -24.65
C ILE B 239 16.69 9.95 -25.94
N HIS B 240 17.87 9.86 -26.51
CA HIS B 240 18.09 10.42 -27.82
C HIS B 240 18.28 9.24 -28.78
N LEU B 241 17.54 9.24 -29.88
CA LEU B 241 17.54 8.08 -30.77
C LEU B 241 17.81 8.51 -32.21
N GLU B 242 18.87 7.97 -32.83
CA GLU B 242 19.21 8.32 -34.23
C GLU B 242 18.32 7.65 -35.27
N PRO B 243 18.23 8.25 -36.48
CA PRO B 243 17.43 7.65 -37.55
C PRO B 243 17.74 6.17 -37.71
N GLY B 244 16.73 5.33 -37.56
CA GLY B 244 16.85 3.90 -37.80
C GLY B 244 17.05 3.07 -36.55
N ALA B 245 17.45 3.73 -35.45
CA ALA B 245 17.86 3.05 -34.24
C ALA B 245 16.66 2.74 -33.34
N MET B 246 16.85 1.82 -32.39
CA MET B 246 15.77 1.51 -31.42
C MET B 246 16.29 1.27 -30.00
N ARG B 247 15.41 1.48 -29.00
CA ARG B 247 15.63 1.02 -27.62
C ARG B 247 15.20 -0.43 -27.63
N GLN B 248 16.08 -1.31 -27.16
CA GLN B 248 15.81 -2.74 -27.27
C GLN B 248 14.52 -3.15 -26.59
N LEU B 249 13.99 -4.30 -27.00
CA LEU B 249 12.83 -4.87 -26.31
C LEU B 249 13.10 -5.11 -24.83
N HIS B 250 12.23 -4.59 -23.97
CA HIS B 250 12.38 -4.76 -22.53
C HIS B 250 11.03 -4.67 -21.82
N TRP B 251 11.03 -4.91 -20.51
CA TRP B 251 9.88 -4.58 -19.66
C TRP B 251 10.39 -4.13 -18.31
N HIS B 252 9.55 -3.39 -17.59
CA HIS B 252 9.93 -2.90 -16.26
C HIS B 252 9.12 -3.66 -15.22
N PRO B 253 9.78 -4.46 -14.37
CA PRO B 253 9.10 -5.21 -13.29
C PRO B 253 8.36 -4.35 -12.26
N ASN B 254 8.84 -3.14 -11.99
CA ASN B 254 8.34 -2.41 -10.83
C ASN B 254 7.64 -1.08 -11.08
N ALA B 255 7.40 -0.71 -12.34
CA ALA B 255 6.91 0.65 -12.65
C ALA B 255 6.09 0.80 -13.94
N ASP B 256 5.17 1.75 -13.95
CA ASP B 256 4.56 2.17 -15.21
C ASP B 256 5.49 3.19 -15.87
N GLU B 257 5.35 3.38 -17.17
CA GLU B 257 6.19 4.34 -17.87
C GLU B 257 5.33 5.36 -18.63
N TRP B 258 5.56 6.65 -18.36
CA TRP B 258 4.89 7.75 -19.04
C TRP B 258 5.92 8.43 -19.94
N GLN B 259 5.52 8.72 -21.18
CA GLN B 259 6.45 9.24 -22.19
C GLN B 259 5.91 10.47 -22.90
N TYR B 260 6.80 11.38 -23.26
CA TYR B 260 6.42 12.57 -23.99
C TYR B 260 7.45 12.76 -25.08
N VAL B 261 6.99 13.07 -26.31
CA VAL B 261 7.93 13.28 -27.41
C VAL B 261 8.39 14.75 -27.48
N LEU B 262 9.67 15.01 -27.18
CA LEU B 262 10.19 16.38 -27.13
C LEU B 262 10.38 16.96 -28.53
N ASP B 263 10.88 16.14 -29.43
CA ASP B 263 10.97 16.54 -30.84
C ASP B 263 11.17 15.27 -31.66
N GLY B 264 10.77 15.32 -32.92
CA GLY B 264 10.90 14.16 -33.79
C GLY B 264 9.62 13.33 -33.90
N GLU B 265 9.77 12.07 -34.28
CA GLU B 265 8.65 11.18 -34.56
C GLU B 265 8.92 9.80 -34.04
N MET B 266 8.14 9.37 -33.06
CA MET B 266 8.45 8.11 -32.38
C MET B 266 7.57 6.96 -32.83
N ASP B 267 8.12 5.76 -32.77
CA ASP B 267 7.34 4.53 -32.93
C ASP B 267 7.34 3.69 -31.65
N LEU B 268 6.17 3.37 -31.13
CA LEU B 268 6.06 2.55 -29.91
C LEU B 268 5.33 1.25 -30.18
N THR B 269 5.94 0.15 -29.77
CA THR B 269 5.23 -1.11 -29.73
C THR B 269 5.03 -1.56 -28.28
N VAL B 270 3.86 -2.10 -27.98
CA VAL B 270 3.56 -2.55 -26.62
C VAL B 270 2.96 -3.93 -26.67
N PHE B 271 3.42 -4.79 -25.80
CA PHE B 271 3.00 -6.16 -25.81
C PHE B 271 2.35 -6.54 -24.52
N ALA B 272 1.15 -7.05 -24.58
CA ALA B 272 0.34 -7.03 -23.43
C ALA B 272 -0.17 -8.34 -22.95
N SER B 273 0.29 -9.46 -23.47
CA SER B 273 0.07 -10.72 -22.80
C SER B 273 -1.06 -11.31 -23.59
N GLU B 274 -1.19 -12.63 -23.66
CA GLU B 274 -2.29 -13.31 -24.33
C GLU B 274 -2.46 -12.98 -25.82
N GLY B 275 -1.38 -12.97 -26.57
CA GLY B 275 -1.46 -12.65 -27.98
C GLY B 275 -2.07 -11.30 -28.32
N LYS B 276 -1.89 -10.29 -27.45
CA LYS B 276 -2.39 -8.96 -27.77
C LYS B 276 -1.27 -7.92 -27.74
N ALA B 277 -1.14 -7.15 -28.80
CA ALA B 277 -0.08 -6.15 -28.89
C ALA B 277 -0.47 -4.99 -29.79
N SER B 278 0.19 -3.86 -29.58
CA SER B 278 -0.10 -2.65 -30.33
C SER B 278 1.20 -2.08 -30.89
N VAL B 279 1.05 -1.21 -31.90
CA VAL B 279 2.16 -0.40 -32.42
C VAL B 279 1.53 0.88 -32.97
N SER B 280 2.27 1.99 -32.92
CA SER B 280 1.77 3.25 -33.46
C SER B 280 2.83 4.35 -33.44
N ARG B 281 2.53 5.45 -34.11
CA ARG B 281 3.44 6.58 -34.24
C ARG B 281 3.04 7.73 -33.32
N LEU B 282 4.00 8.43 -32.73
CA LEU B 282 3.68 9.60 -31.95
C LEU B 282 4.37 10.79 -32.60
N GLN B 283 3.68 11.93 -32.72
CA GLN B 283 4.31 13.17 -33.23
C GLN B 283 4.89 13.94 -32.06
N GLN B 284 5.68 14.95 -32.35
CA GLN B 284 6.21 15.78 -31.28
C GLN B 284 5.04 16.27 -30.43
N GLY B 285 5.21 16.23 -29.12
CA GLY B 285 4.18 16.77 -28.25
C GLY B 285 3.13 15.75 -27.92
N ASP B 286 3.24 14.54 -28.48
CA ASP B 286 2.30 13.44 -28.18
C ASP B 286 2.75 12.58 -27.00
N VAL B 287 1.86 11.78 -26.45
CA VAL B 287 2.15 11.11 -25.18
C VAL B 287 1.98 9.59 -25.27
N GLY B 288 2.91 8.86 -24.64
CA GLY B 288 2.86 7.39 -24.55
C GLY B 288 2.76 6.90 -23.12
N TYR B 289 2.08 5.76 -22.90
CA TYR B 289 1.99 5.15 -21.57
C TYR B 289 2.09 3.63 -21.61
N VAL B 290 3.06 3.09 -20.88
CA VAL B 290 3.24 1.65 -20.82
C VAL B 290 2.99 1.10 -19.40
N PRO B 291 1.90 0.32 -19.25
CA PRO B 291 1.60 -0.19 -17.91
C PRO B 291 2.75 -1.09 -17.46
N LYS B 292 2.99 -1.14 -16.15
CA LYS B 292 4.02 -1.97 -15.55
C LYS B 292 4.03 -3.41 -16.09
N GLY B 293 5.22 -3.92 -16.36
CA GLY B 293 5.37 -5.31 -16.77
C GLY B 293 5.15 -5.59 -18.23
N TYR B 294 4.56 -4.66 -18.97
CA TYR B 294 4.34 -4.91 -20.38
C TYR B 294 5.61 -4.80 -21.18
N GLY B 295 5.76 -5.73 -22.12
CA GLY B 295 6.89 -5.73 -23.04
C GLY B 295 6.74 -4.60 -24.02
N HIS B 296 7.85 -3.91 -24.25
CA HIS B 296 7.82 -2.79 -25.16
C HIS B 296 9.21 -2.50 -25.75
N ALA B 297 9.22 -1.68 -26.79
CA ALA B 297 10.43 -1.24 -27.45
C ALA B 297 10.03 0.02 -28.18
N ILE B 298 10.98 0.94 -28.39
CA ILE B 298 10.65 2.12 -29.19
C ILE B 298 11.70 2.28 -30.28
N ARG B 299 11.23 2.65 -31.48
CA ARG B 299 12.10 2.78 -32.67
C ARG B 299 11.90 4.12 -33.37
N ASN B 300 13.00 4.70 -33.86
CA ASN B 300 12.97 5.88 -34.73
C ASN B 300 12.96 5.47 -36.22
N SER B 301 11.80 5.51 -36.85
CA SER B 301 11.67 5.09 -38.23
C SER B 301 11.74 6.24 -39.21
N SER B 302 12.30 7.36 -38.79
CA SER B 302 12.27 8.55 -39.61
C SER B 302 13.66 8.88 -40.17
N GLN B 303 13.72 10.01 -40.87
CA GLN B 303 14.98 10.44 -41.46
C GLN B 303 15.73 11.46 -40.59
N LYS B 304 15.10 11.91 -39.49
CA LYS B 304 15.74 12.84 -38.56
C LYS B 304 15.82 12.23 -37.15
N PRO B 305 16.43 12.97 -36.19
CA PRO B 305 16.63 12.45 -34.84
C PRO B 305 15.38 12.56 -34.02
N LEU B 306 15.39 11.92 -32.85
CA LEU B 306 14.22 11.84 -32.01
C LEU B 306 14.64 12.05 -30.55
N ASP B 307 13.82 12.80 -29.82
CA ASP B 307 14.10 13.06 -28.40
C ASP B 307 12.86 12.89 -27.56
N ILE B 308 12.95 12.00 -26.56
CA ILE B 308 11.84 11.84 -25.64
C ILE B 308 12.29 11.91 -24.19
N VAL B 309 11.40 12.41 -23.33
CA VAL B 309 11.54 12.26 -21.90
C VAL B 309 10.55 11.18 -21.48
N VAL B 310 10.96 10.33 -20.53
CA VAL B 310 10.08 9.30 -19.98
C VAL B 310 10.17 9.32 -18.45
N VAL B 311 9.04 9.04 -17.80
CA VAL B 311 8.96 9.11 -16.35
C VAL B 311 8.43 7.79 -15.76
N PHE B 312 8.95 7.41 -14.61
CA PHE B 312 8.58 6.17 -13.95
C PHE B 312 8.05 6.45 -12.56
N ASN B 313 7.01 5.74 -12.16
CA ASN B 313 6.45 5.89 -10.81
C ASN B 313 7.10 5.01 -9.78
N ASP B 314 8.42 4.90 -9.87
CA ASP B 314 9.24 4.33 -8.82
C ASP B 314 10.59 5.04 -8.82
N GLY B 315 11.17 5.20 -7.64
CA GLY B 315 12.49 5.79 -7.53
C GLY B 315 13.63 4.83 -7.85
N ASP B 316 13.32 3.54 -7.97
CA ASP B 316 14.33 2.55 -8.29
C ASP B 316 14.13 2.04 -9.72
N TYR B 317 15.07 2.38 -10.60
CA TYR B 317 14.92 2.04 -12.01
C TYR B 317 15.20 0.57 -12.28
N GLN B 318 14.22 -0.15 -12.81
CA GLN B 318 14.44 -1.55 -13.13
C GLN B 318 13.98 -1.87 -14.54
N SER B 319 14.88 -2.49 -15.30
CA SER B 319 14.56 -2.85 -16.66
C SER B 319 15.16 -4.21 -16.91
N ILE B 320 14.42 -5.11 -17.56
CA ILE B 320 15.01 -6.34 -18.07
C ILE B 320 14.89 -6.37 -19.60
N ASP B 321 16.02 -6.38 -20.28
CA ASP B 321 16.06 -6.39 -21.74
C ASP B 321 15.99 -7.78 -22.29
N LEU B 322 15.29 -7.93 -23.39
CA LEU B 322 15.12 -9.24 -23.98
C LEU B 322 16.51 -9.86 -24.13
N SER B 323 17.47 -9.04 -24.55
CA SER B 323 18.84 -9.50 -24.73
C SER B 323 19.51 -9.96 -23.42
N THR B 324 19.51 -9.14 -22.38
CA THR B 324 20.03 -9.56 -21.07
C THR B 324 19.41 -10.91 -20.67
N TRP B 325 18.13 -11.06 -20.94
CA TRP B 325 17.40 -12.23 -20.51
C TRP B 325 17.80 -13.48 -21.31
N LEU B 326 17.73 -13.40 -22.64
CA LEU B 326 18.13 -14.56 -23.44
C LEU B 326 19.60 -14.90 -23.23
N ALA B 327 20.41 -13.89 -22.93
CA ALA B 327 21.84 -14.08 -22.72
C ALA B 327 22.10 -14.93 -21.48
N SER B 328 21.24 -14.77 -20.48
CA SER B 328 21.46 -15.47 -19.22
C SER B 328 20.98 -16.92 -19.19
N ASN B 329 20.38 -17.42 -20.27
CA ASN B 329 19.96 -18.83 -20.27
C ASN B 329 20.91 -19.71 -21.04
N PRO B 330 20.94 -21.00 -20.68
CA PRO B 330 21.73 -22.00 -21.40
C PRO B 330 21.06 -22.39 -22.73
N SER B 331 21.84 -22.94 -23.64
CA SER B 331 21.34 -23.23 -24.97
C SER B 331 20.11 -24.12 -24.95
N SER B 332 20.18 -25.22 -24.23
CA SER B 332 19.02 -26.12 -24.14
C SER B 332 17.70 -25.38 -23.81
N VAL B 333 17.73 -24.46 -22.83
CA VAL B 333 16.52 -23.74 -22.47
C VAL B 333 16.01 -22.89 -23.62
N LEU B 334 16.90 -22.14 -24.25
CA LEU B 334 16.51 -21.28 -25.36
C LEU B 334 15.99 -22.11 -26.52
N GLY B 335 16.77 -23.11 -26.92
CA GLY B 335 16.39 -23.97 -28.04
C GLY B 335 15.00 -24.56 -27.85
N ASN B 336 14.76 -25.09 -26.65
CA ASN B 336 13.50 -25.76 -26.29
C ASN B 336 12.35 -24.77 -26.23
N THR B 337 12.60 -23.57 -25.71
CA THR B 337 11.57 -22.56 -25.65
C THR B 337 11.16 -22.09 -27.03
N PHE B 338 12.14 -21.79 -27.87
CA PHE B 338 11.87 -21.24 -29.19
C PHE B 338 11.68 -22.31 -30.27
N GLN B 339 11.97 -23.57 -29.93
CA GLN B 339 11.74 -24.67 -30.88
C GLN B 339 12.48 -24.47 -32.21
N ILE B 340 13.80 -24.34 -32.13
CA ILE B 340 14.63 -23.92 -33.25
C ILE B 340 15.93 -24.73 -33.21
N SER B 341 16.67 -24.75 -34.31
CA SER B 341 17.87 -25.59 -34.38
C SER B 341 18.93 -25.16 -33.36
N PRO B 342 19.75 -26.11 -32.90
CA PRO B 342 20.94 -25.72 -32.12
C PRO B 342 21.76 -24.59 -32.79
N GLU B 343 22.03 -24.72 -34.09
CA GLU B 343 22.78 -23.69 -34.85
C GLU B 343 22.24 -22.28 -34.58
N LEU B 344 20.94 -22.10 -34.83
CA LEU B 344 20.26 -20.82 -34.61
C LEU B 344 20.30 -20.40 -33.12
N THR B 345 20.14 -21.35 -32.23
CA THR B 345 20.15 -21.05 -30.80
C THR B 345 21.38 -20.24 -30.40
N LYS B 346 22.55 -20.61 -30.92
CA LYS B 346 23.81 -19.95 -30.55
C LYS B 346 23.89 -18.53 -31.11
N LYS B 347 22.96 -18.17 -31.97
CA LYS B 347 22.98 -16.83 -32.57
C LYS B 347 21.98 -15.88 -31.93
N LEU B 348 21.46 -16.27 -30.75
CA LEU B 348 20.69 -15.36 -29.94
C LEU B 348 21.67 -14.43 -29.24
N PRO B 349 21.16 -13.34 -28.64
CA PRO B 349 22.02 -12.32 -28.06
C PRO B 349 22.92 -12.86 -26.95
N VAL B 350 24.14 -12.38 -26.86
CA VAL B 350 25.07 -12.86 -25.84
C VAL B 350 25.53 -11.70 -24.97
N GLN B 351 24.92 -10.55 -25.18
CA GLN B 351 25.25 -9.34 -24.43
C GLN B 351 24.20 -8.29 -24.71
N ASP B 352 24.23 -7.22 -23.93
CA ASP B 352 23.14 -6.25 -23.99
C ASP B 352 23.62 -4.83 -24.22
N THR B 353 23.29 -4.26 -25.37
CA THR B 353 23.78 -2.90 -25.62
C THR B 353 22.73 -1.81 -25.37
N ILE B 354 21.52 -2.22 -24.95
CA ILE B 354 20.43 -1.29 -24.56
C ILE B 354 19.72 -0.60 -25.73
N PHE B 355 20.49 -0.03 -26.65
CA PHE B 355 19.98 0.28 -28.00
C PHE B 355 20.44 -0.78 -28.99
N SER B 356 19.83 -0.75 -30.17
CA SER B 356 20.27 -1.55 -31.31
C SER B 356 20.45 -0.60 -32.50
N LEU B 357 21.62 -0.62 -33.13
CA LEU B 357 21.87 0.20 -34.33
C LEU B 357 21.16 -0.40 -35.53
N PRO B 358 20.83 0.41 -36.54
CA PRO B 358 20.04 -0.15 -37.64
C PRO B 358 20.84 -1.27 -38.30
N THR B 359 20.15 -2.35 -38.65
CA THR B 359 20.81 -3.51 -39.25
C THR B 359 20.42 -3.71 -40.72
N GLN B 360 19.56 -2.86 -41.25
CA GLN B 360 19.10 -2.89 -42.64
C GLN B 360 20.18 -2.48 -43.69
N PRO B 361 20.50 -3.35 -44.64
CA PRO B 361 21.50 -2.98 -45.65
C PRO B 361 20.90 -2.31 -46.88
N TRP C 6 -20.88 -32.89 13.54
CA TRP C 6 -20.01 -32.03 14.42
C TRP C 6 -20.83 -31.05 15.26
N ARG C 7 -21.18 -31.40 16.50
CA ARG C 7 -22.01 -30.50 17.33
C ARG C 7 -21.22 -29.31 17.83
N SER C 8 -21.88 -28.16 17.98
CA SER C 8 -21.27 -26.97 18.60
C SER C 8 -22.08 -26.56 19.81
N LEU C 9 -21.53 -25.68 20.64
CA LEU C 9 -22.28 -25.20 21.81
C LEU C 9 -23.50 -24.37 21.41
N SER C 10 -23.39 -23.67 20.28
CA SER C 10 -24.41 -22.71 19.87
C SER C 10 -25.32 -23.36 18.87
N ASN C 11 -25.00 -24.60 18.52
CA ASN C 11 -25.71 -25.32 17.47
C ASN C 11 -25.76 -24.56 16.14
N VAL C 12 -24.69 -23.80 15.87
CA VAL C 12 -24.63 -23.01 14.67
C VAL C 12 -24.78 -23.91 13.47
N VAL C 13 -25.50 -23.44 12.46
CA VAL C 13 -25.56 -24.15 11.19
C VAL C 13 -24.25 -23.91 10.44
N TRP C 14 -23.41 -24.93 10.35
CA TRP C 14 -22.13 -24.82 9.67
C TRP C 14 -22.27 -24.31 8.25
N GLY C 15 -21.54 -23.25 7.92
CA GLY C 15 -21.51 -22.76 6.56
C GLY C 15 -22.52 -21.68 6.26
N LYS C 16 -23.58 -21.62 7.07
CA LYS C 16 -24.64 -20.61 6.85
C LYS C 16 -24.05 -19.22 6.78
N ASP C 17 -24.41 -18.47 5.73
CA ASP C 17 -23.95 -17.11 5.56
C ASP C 17 -22.46 -16.93 5.27
N LEU C 18 -21.79 -17.96 4.78
CA LEU C 18 -20.36 -17.84 4.48
C LEU C 18 -19.95 -18.39 3.10
N PRO C 19 -18.86 -17.89 2.53
CA PRO C 19 -18.40 -18.50 1.28
C PRO C 19 -17.72 -19.83 1.57
N ALA C 20 -17.55 -20.65 0.54
CA ALA C 20 -16.82 -21.89 0.71
C ALA C 20 -15.38 -21.54 1.16
N PHE C 21 -14.85 -22.29 2.13
CA PHE C 21 -13.45 -22.15 2.54
C PHE C 21 -12.57 -23.26 2.01
N THR C 22 -13.14 -24.09 1.14
CA THR C 22 -12.41 -25.20 0.55
C THR C 22 -12.93 -25.40 -0.85
N TYR C 23 -12.11 -25.98 -1.71
CA TYR C 23 -12.47 -26.17 -3.11
C TYR C 23 -11.99 -27.54 -3.55
N ALA C 24 -12.85 -28.27 -4.27
CA ALA C 24 -12.54 -29.65 -4.67
C ALA C 24 -11.54 -29.69 -5.85
N PHE C 25 -10.33 -29.18 -5.59
CA PHE C 25 -9.31 -29.04 -6.61
C PHE C 25 -8.98 -30.38 -7.27
N SER C 26 -8.97 -31.45 -6.47
CA SER C 26 -8.62 -32.77 -6.97
C SER C 26 -9.63 -33.21 -8.00
N LYS C 27 -10.78 -32.57 -8.05
CA LYS C 27 -11.73 -32.85 -9.12
C LYS C 27 -11.65 -31.89 -10.31
N THR C 28 -10.79 -30.88 -10.22
CA THR C 28 -10.65 -29.95 -11.36
C THR C 28 -9.89 -30.66 -12.48
N PRO C 29 -10.47 -30.72 -13.70
CA PRO C 29 -9.78 -31.38 -14.83
C PRO C 29 -8.44 -30.73 -15.19
N LEU C 30 -7.51 -31.54 -15.68
CA LEU C 30 -6.23 -31.05 -16.17
C LEU C 30 -6.38 -30.37 -17.55
N VAL C 31 -5.47 -29.46 -17.86
CA VAL C 31 -5.30 -29.01 -19.25
C VAL C 31 -4.01 -29.65 -19.72
N LEU C 32 -4.03 -30.26 -20.91
CA LEU C 32 -2.92 -31.08 -21.37
C LEU C 32 -2.03 -30.36 -22.39
N TYR C 33 -0.72 -30.42 -22.21
CA TYR C 33 0.22 -29.87 -23.17
C TYR C 33 1.20 -30.93 -23.61
N ASP C 34 2.03 -30.63 -24.60
CA ASP C 34 2.99 -31.62 -25.09
C ASP C 34 4.14 -31.85 -24.09
N GLY C 35 3.91 -32.65 -23.06
CA GLY C 35 4.92 -32.87 -22.04
C GLY C 35 4.59 -32.33 -20.66
N GLY C 36 3.43 -31.70 -20.49
CA GLY C 36 3.05 -31.24 -19.17
C GLY C 36 1.55 -31.15 -19.02
N THR C 37 1.12 -30.89 -17.80
CA THR C 37 -0.31 -30.81 -17.50
C THR C 37 -0.48 -29.74 -16.42
N THR C 38 -1.68 -29.14 -16.35
CA THR C 38 -1.85 -28.05 -15.40
C THR C 38 -3.30 -27.69 -15.08
N LYS C 39 -3.53 -27.22 -13.86
CA LYS C 39 -4.85 -26.73 -13.42
C LYS C 39 -4.63 -25.64 -12.37
N GLN C 40 -5.63 -24.80 -12.18
CA GLN C 40 -5.46 -23.67 -11.30
C GLN C 40 -6.69 -23.34 -10.48
N VAL C 41 -6.48 -22.74 -9.32
CA VAL C 41 -7.59 -22.28 -8.48
C VAL C 41 -7.33 -20.86 -7.92
N GLY C 42 -8.22 -19.94 -8.28
CA GLY C 42 -8.15 -18.54 -7.84
C GLY C 42 -9.55 -18.00 -7.60
N THR C 43 -9.66 -16.69 -7.40
CA THR C 43 -10.96 -16.06 -7.20
C THR C 43 -11.98 -16.40 -8.29
N TYR C 44 -11.52 -16.66 -9.52
CA TYR C 44 -12.42 -16.93 -10.65
C TYR C 44 -13.26 -18.19 -10.46
N ASN C 45 -12.81 -19.14 -9.67
CA ASN C 45 -13.62 -20.33 -9.38
C ASN C 45 -13.74 -20.65 -7.89
N PHE C 46 -13.11 -19.82 -7.05
CA PHE C 46 -13.04 -20.04 -5.62
C PHE C 46 -13.04 -18.65 -5.00
N PRO C 47 -14.22 -18.04 -4.91
CA PRO C 47 -14.36 -16.59 -4.72
C PRO C 47 -13.65 -16.03 -3.48
N VAL C 48 -13.54 -16.82 -2.41
CA VAL C 48 -12.98 -16.32 -1.16
C VAL C 48 -11.47 -16.14 -1.23
N SER C 49 -10.85 -16.82 -2.18
CA SER C 49 -9.40 -16.86 -2.29
C SER C 49 -8.76 -15.56 -2.80
N LYS C 50 -9.06 -14.43 -2.17
CA LYS C 50 -8.55 -13.12 -2.65
C LYS C 50 -7.04 -12.94 -2.64
N GLY C 51 -6.40 -13.39 -1.58
CA GLY C 51 -5.00 -13.06 -1.35
C GLY C 51 -3.99 -13.90 -2.08
N MET C 52 -4.39 -15.10 -2.51
CA MET C 52 -3.49 -16.05 -3.17
C MET C 52 -4.24 -16.91 -4.15
N ALA C 53 -3.54 -17.33 -5.21
CA ALA C 53 -4.04 -18.34 -6.14
C ALA C 53 -3.04 -19.48 -6.26
N GLY C 54 -3.53 -20.68 -6.59
CA GLY C 54 -2.65 -21.85 -6.64
C GLY C 54 -2.69 -22.52 -7.99
N VAL C 55 -1.54 -22.99 -8.44
CA VAL C 55 -1.47 -23.74 -9.68
C VAL C 55 -0.82 -25.08 -9.45
N TYR C 56 -1.43 -26.14 -10.00
CA TYR C 56 -0.76 -27.41 -10.06
C TYR C 56 -0.17 -27.53 -11.46
N MET C 57 1.04 -28.07 -11.54
CA MET C 57 1.70 -28.30 -12.85
C MET C 57 2.60 -29.52 -12.81
N SER C 58 2.67 -30.24 -13.93
CA SER C 58 3.63 -31.34 -14.06
C SER C 58 4.49 -31.17 -15.31
N LEU C 59 5.74 -31.61 -15.21
CA LEU C 59 6.63 -31.58 -16.36
C LEU C 59 7.33 -32.92 -16.56
N GLU C 60 7.04 -33.56 -17.69
CA GLU C 60 7.76 -34.76 -18.17
C GLU C 60 9.24 -34.42 -18.34
N PRO C 61 10.09 -35.44 -18.42
CA PRO C 61 11.52 -35.09 -18.48
C PRO C 61 11.83 -34.39 -19.80
N GLY C 62 12.49 -33.24 -19.75
CA GLY C 62 12.89 -32.53 -20.97
C GLY C 62 11.77 -31.69 -21.58
N ALA C 63 10.65 -31.63 -20.87
CA ALA C 63 9.59 -30.69 -21.13
C ALA C 63 9.95 -29.44 -20.36
N ILE C 64 9.58 -28.28 -20.88
CA ILE C 64 9.91 -27.02 -20.23
C ILE C 64 8.71 -26.06 -20.21
N ARG C 65 8.49 -25.45 -19.05
CA ARG C 65 7.62 -24.30 -18.96
C ARG C 65 8.46 -23.15 -19.50
N GLU C 66 8.07 -22.59 -20.65
CA GLU C 66 8.91 -21.66 -21.40
C GLU C 66 9.26 -20.39 -20.63
N LEU C 67 10.36 -19.77 -20.99
CA LEU C 67 10.70 -18.46 -20.47
C LEU C 67 9.53 -17.48 -20.49
N HIS C 68 9.11 -17.00 -19.32
CA HIS C 68 7.99 -16.06 -19.20
C HIS C 68 8.16 -15.22 -17.97
N TRP C 69 7.28 -14.23 -17.82
CA TRP C 69 7.29 -13.37 -16.62
C TRP C 69 5.88 -12.91 -16.22
N HIS C 70 5.72 -12.46 -14.97
CA HIS C 70 4.45 -11.87 -14.52
C HIS C 70 4.64 -10.83 -13.45
N ALA C 71 4.52 -9.55 -13.83
CA ALA C 71 4.78 -8.45 -12.89
C ALA C 71 3.74 -8.31 -11.81
N ASN C 72 2.55 -8.84 -12.07
CA ASN C 72 1.42 -8.70 -11.16
C ASN C 72 1.41 -9.74 -10.02
N ALA C 73 2.38 -10.67 -10.01
CA ALA C 73 2.44 -11.72 -8.96
C ALA C 73 3.83 -12.35 -8.69
N ALA C 74 4.10 -12.65 -7.42
CA ALA C 74 5.29 -13.42 -7.05
C ALA C 74 4.96 -14.92 -7.09
N GLU C 75 5.93 -15.77 -7.43
CA GLU C 75 5.69 -17.19 -7.62
C GLU C 75 6.46 -17.98 -6.58
N TRP C 76 5.73 -18.66 -5.70
CA TRP C 76 6.30 -19.48 -4.62
C TRP C 76 5.91 -20.92 -4.88
N ALA C 77 6.89 -21.83 -4.81
CA ALA C 77 6.66 -23.20 -5.28
C ALA C 77 7.07 -24.28 -4.29
N TYR C 78 6.36 -25.40 -4.29
CA TYR C 78 6.75 -26.57 -3.56
C TYR C 78 6.79 -27.76 -4.51
N VAL C 79 7.93 -28.44 -4.60
CA VAL C 79 8.04 -29.58 -5.49
C VAL C 79 7.56 -30.86 -4.80
N MET C 80 6.48 -31.45 -5.32
CA MET C 80 5.82 -32.59 -4.68
C MET C 80 6.46 -33.93 -5.04
N GLU C 81 6.98 -34.02 -6.26
CA GLU C 81 7.49 -35.29 -6.79
C GLU C 81 8.51 -34.97 -7.90
N GLY C 82 9.58 -35.77 -8.01
CA GLY C 82 10.52 -35.64 -9.12
C GLY C 82 11.54 -34.54 -8.96
N ARG C 83 12.08 -34.03 -10.07
CA ARG C 83 13.18 -33.06 -10.01
C ARG C 83 13.05 -32.04 -11.12
N THR C 84 13.34 -30.79 -10.79
CA THR C 84 13.22 -29.70 -11.75
C THR C 84 14.50 -28.89 -11.87
N ARG C 85 14.56 -28.09 -12.94
CA ARG C 85 15.58 -27.05 -13.05
C ARG C 85 14.96 -25.74 -13.49
N ILE C 86 15.22 -24.71 -12.69
CA ILE C 86 14.69 -23.39 -12.92
C ILE C 86 15.83 -22.48 -13.37
N THR C 87 15.48 -21.46 -14.14
CA THR C 87 16.38 -20.34 -14.35
C THR C 87 15.63 -19.10 -13.92
N LEU C 88 16.35 -18.07 -13.52
CA LEU C 88 15.71 -16.88 -13.00
C LEU C 88 16.60 -15.66 -13.25
N THR C 89 16.04 -14.61 -13.86
CA THR C 89 16.84 -13.45 -14.25
C THR C 89 16.35 -12.14 -13.65
N SER C 90 17.21 -11.49 -12.87
CA SER C 90 16.80 -10.32 -12.10
C SER C 90 16.98 -9.03 -12.90
N PRO C 91 16.33 -7.93 -12.48
CA PRO C 91 16.51 -6.61 -13.09
C PRO C 91 17.96 -6.14 -13.15
N GLU C 92 18.84 -6.69 -12.32
CA GLU C 92 20.24 -6.35 -12.49
C GLU C 92 20.99 -7.34 -13.39
N GLY C 93 20.28 -8.03 -14.27
CA GLY C 93 20.95 -8.92 -15.21
C GLY C 93 21.72 -10.06 -14.56
N LYS C 94 21.32 -10.45 -13.36
CA LYS C 94 21.89 -11.60 -12.71
C LYS C 94 21.00 -12.82 -12.92
N VAL C 95 21.57 -14.01 -12.88
CA VAL C 95 20.79 -15.22 -13.14
C VAL C 95 21.07 -16.27 -12.06
N GLU C 96 20.04 -17.02 -11.68
CA GLU C 96 20.27 -18.22 -10.89
C GLU C 96 19.81 -19.37 -11.73
N ILE C 97 20.67 -20.37 -11.90
CA ILE C 97 20.30 -21.63 -12.56
C ILE C 97 20.46 -22.76 -11.54
N ALA C 98 19.36 -23.43 -11.20
CA ALA C 98 19.40 -24.33 -10.04
C ALA C 98 18.47 -25.55 -10.11
N ASP C 99 18.83 -26.59 -9.37
CA ASP C 99 17.95 -27.74 -9.21
C ASP C 99 17.03 -27.61 -7.98
N VAL C 100 15.78 -28.01 -8.16
CA VAL C 100 14.84 -28.10 -7.05
C VAL C 100 14.14 -29.46 -7.09
N ASP C 101 14.43 -30.32 -6.11
CA ASP C 101 13.82 -31.65 -6.04
C ASP C 101 12.65 -31.73 -5.02
N LYS C 102 12.01 -32.89 -4.97
CA LYS C 102 10.97 -33.14 -3.98
C LYS C 102 11.25 -32.51 -2.62
N GLY C 103 10.33 -31.67 -2.15
CA GLY C 103 10.48 -31.03 -0.85
C GLY C 103 11.21 -29.69 -0.93
N GLY C 104 11.55 -29.28 -2.15
CA GLY C 104 12.24 -28.02 -2.39
C GLY C 104 11.35 -26.85 -2.78
N LEU C 105 11.79 -25.65 -2.45
CA LEU C 105 11.06 -24.44 -2.80
C LEU C 105 11.79 -23.66 -3.87
N TRP C 106 11.05 -22.83 -4.59
CA TRP C 106 11.65 -21.67 -5.24
C TRP C 106 10.77 -20.44 -5.05
N TYR C 107 11.37 -19.27 -5.11
CA TYR C 107 10.60 -18.03 -5.08
C TYR C 107 11.02 -17.15 -6.25
N PHE C 108 10.07 -16.77 -7.08
CA PHE C 108 10.37 -15.87 -8.19
C PHE C 108 9.74 -14.49 -7.99
N PRO C 109 10.55 -13.48 -7.65
CA PRO C 109 10.06 -12.12 -7.40
C PRO C 109 9.20 -11.57 -8.54
N ARG C 110 8.20 -10.76 -8.20
CA ARG C 110 7.34 -10.11 -9.19
C ARG C 110 8.09 -9.62 -10.43
N GLY C 111 7.69 -10.11 -11.60
CA GLY C 111 8.29 -9.62 -12.83
C GLY C 111 9.69 -10.06 -13.23
N TRP C 112 10.34 -10.88 -12.41
CA TRP C 112 11.60 -11.47 -12.82
C TRP C 112 11.32 -12.62 -13.78
N GLY C 113 12.14 -12.76 -14.80
CA GLY C 113 11.94 -13.79 -15.81
C GLY C 113 12.41 -15.12 -15.30
N HIS C 114 11.78 -16.18 -15.78
CA HIS C 114 12.08 -17.51 -15.26
C HIS C 114 11.66 -18.56 -16.25
N SER C 115 12.12 -19.79 -16.01
CA SER C 115 11.71 -20.98 -16.76
C SER C 115 11.83 -22.16 -15.80
N ILE C 116 11.09 -23.24 -16.08
CA ILE C 116 11.12 -24.43 -15.24
C ILE C 116 11.19 -25.62 -16.16
N GLU C 117 12.16 -26.51 -15.94
CA GLU C 117 12.25 -27.73 -16.76
C GLU C 117 12.19 -28.96 -15.88
N GLY C 118 11.52 -30.01 -16.37
CA GLY C 118 11.56 -31.27 -15.66
C GLY C 118 12.81 -32.03 -16.05
N ILE C 119 13.67 -32.34 -15.08
CA ILE C 119 14.82 -33.19 -15.40
C ILE C 119 14.47 -34.65 -15.06
N GLY C 120 15.35 -35.60 -15.35
CA GLY C 120 14.95 -37.00 -15.22
C GLY C 120 14.97 -37.55 -13.80
N PRO C 121 14.61 -38.83 -13.65
CA PRO C 121 14.07 -39.64 -14.76
C PRO C 121 12.54 -39.77 -14.65
N ASP C 122 11.94 -38.95 -13.79
CA ASP C 122 10.51 -39.09 -13.57
C ASP C 122 9.67 -37.91 -14.01
N THR C 123 8.39 -37.96 -13.67
CA THR C 123 7.52 -36.83 -13.92
C THR C 123 7.65 -35.92 -12.72
N ALA C 124 7.93 -34.65 -12.97
CA ALA C 124 8.03 -33.70 -11.90
C ALA C 124 6.64 -33.13 -11.65
N LYS C 125 6.23 -33.11 -10.40
CA LYS C 125 4.96 -32.51 -10.05
C LYS C 125 5.19 -31.48 -8.97
N PHE C 126 4.64 -30.29 -9.16
CA PHE C 126 4.84 -29.20 -8.21
C PHE C 126 3.62 -28.27 -8.07
N LEU C 127 3.60 -27.51 -6.98
CA LEU C 127 2.58 -26.47 -6.75
C LEU C 127 3.22 -25.12 -6.87
N LEU C 128 2.57 -24.22 -7.60
CA LEU C 128 2.96 -22.82 -7.62
C LEU C 128 1.89 -22.00 -6.91
N VAL C 129 2.29 -21.23 -5.89
CA VAL C 129 1.35 -20.33 -5.20
C VAL C 129 1.70 -18.86 -5.45
N PHE C 130 0.70 -18.05 -5.79
CA PHE C 130 0.90 -16.67 -6.19
C PHE C 130 0.22 -15.66 -5.28
N ASN C 131 0.89 -14.58 -4.91
CA ASN C 131 0.27 -13.62 -3.98
C ASN C 131 -0.66 -12.66 -4.68
N ASP C 132 -1.62 -13.24 -5.38
CA ASP C 132 -2.63 -12.50 -6.11
C ASP C 132 -3.70 -13.49 -6.57
N GLY C 133 -4.87 -13.37 -5.97
CA GLY C 133 -5.92 -14.36 -6.13
C GLY C 133 -6.51 -14.45 -7.51
N THR C 134 -6.26 -13.46 -8.35
CA THR C 134 -6.82 -13.44 -9.70
C THR C 134 -5.83 -13.99 -10.72
N PHE C 135 -4.71 -14.52 -10.25
CA PHE C 135 -3.63 -14.88 -11.18
C PHE C 135 -4.00 -16.07 -12.02
N SER C 136 -3.60 -16.02 -13.29
CA SER C 136 -3.96 -17.06 -14.23
C SER C 136 -2.78 -17.50 -15.11
N GLU C 137 -2.60 -18.81 -15.28
CA GLU C 137 -1.48 -19.26 -16.10
C GLU C 137 -1.69 -18.90 -17.55
N GLY C 138 -2.93 -18.57 -17.93
CA GLY C 138 -3.19 -18.13 -19.29
C GLY C 138 -2.81 -16.68 -19.50
N ALA C 139 -2.41 -16.02 -18.42
CA ALA C 139 -2.15 -14.58 -18.46
C ALA C 139 -0.70 -14.20 -18.13
N THR C 140 0.24 -15.07 -18.47
CA THR C 140 1.65 -14.76 -18.32
C THR C 140 2.21 -14.10 -19.57
N PHE C 141 3.32 -13.38 -19.42
CA PHE C 141 3.97 -12.80 -20.57
C PHE C 141 4.98 -13.79 -21.11
N SER C 142 4.60 -14.39 -22.23
CA SER C 142 5.41 -15.40 -22.91
C SER C 142 6.41 -14.78 -23.89
N VAL C 143 7.69 -15.16 -23.79
CA VAL C 143 8.72 -14.65 -24.71
C VAL C 143 8.42 -15.07 -26.15
N THR C 144 7.87 -16.28 -26.33
CA THR C 144 7.50 -16.75 -27.67
C THR C 144 6.32 -15.93 -28.18
N ASP C 145 5.40 -15.63 -27.27
CA ASP C 145 4.24 -14.83 -27.61
C ASP C 145 4.76 -13.45 -27.95
N TRP C 146 5.67 -12.94 -27.11
CA TRP C 146 6.26 -11.62 -27.32
C TRP C 146 6.84 -11.43 -28.72
N LEU C 147 7.84 -12.22 -29.08
CA LEU C 147 8.52 -12.00 -30.36
C LEU C 147 7.58 -12.17 -31.57
N SER C 148 6.62 -13.07 -31.44
CA SER C 148 5.65 -13.29 -32.50
C SER C 148 4.64 -12.16 -32.57
N HIS C 149 4.61 -11.33 -31.53
CA HIS C 149 3.71 -10.18 -31.50
C HIS C 149 4.49 -8.87 -31.45
N THR C 150 5.66 -8.85 -32.07
CA THR C 150 6.43 -7.63 -32.23
C THR C 150 6.70 -7.55 -33.72
N PRO C 151 6.82 -6.33 -34.27
CA PRO C 151 7.00 -6.22 -35.71
C PRO C 151 8.29 -6.90 -36.19
N ILE C 152 8.19 -7.76 -37.21
CA ILE C 152 9.34 -8.49 -37.76
C ILE C 152 10.60 -7.64 -37.89
N ALA C 153 10.48 -6.52 -38.59
CA ALA C 153 11.59 -5.59 -38.78
C ALA C 153 12.30 -5.24 -37.46
N TRP C 154 11.52 -5.01 -36.41
CA TRP C 154 12.06 -4.65 -35.11
C TRP C 154 12.79 -5.82 -34.45
N VAL C 155 12.20 -7.01 -34.59
CA VAL C 155 12.84 -8.22 -34.07
C VAL C 155 14.14 -8.50 -34.82
N GLU C 156 14.12 -8.37 -36.15
CA GLU C 156 15.35 -8.44 -36.96
C GLU C 156 16.42 -7.53 -36.38
N GLU C 157 16.08 -6.26 -36.16
CA GLU C 157 17.04 -5.29 -35.68
C GLU C 157 17.59 -5.65 -34.31
N ASN C 158 16.71 -6.04 -33.39
CA ASN C 158 17.10 -6.31 -32.00
C ASN C 158 18.05 -7.49 -31.92
N LEU C 159 17.72 -8.56 -32.67
CA LEU C 159 18.55 -9.75 -32.73
C LEU C 159 19.67 -9.67 -33.76
N GLY C 160 19.60 -8.70 -34.68
CA GLY C 160 20.50 -8.69 -35.83
C GLY C 160 20.35 -9.98 -36.62
N TRP C 161 19.16 -10.23 -37.14
CA TRP C 161 18.84 -11.48 -37.83
C TRP C 161 18.20 -11.15 -39.16
N THR C 162 18.17 -12.13 -40.05
CA THR C 162 17.52 -11.94 -41.33
C THR C 162 16.05 -12.29 -41.23
N ALA C 163 15.30 -11.98 -42.27
CA ALA C 163 13.89 -12.30 -42.25
C ALA C 163 13.74 -13.81 -42.10
N ALA C 164 14.57 -14.56 -42.83
CA ALA C 164 14.50 -16.01 -42.83
C ALA C 164 14.84 -16.61 -41.45
N GLN C 165 15.72 -15.94 -40.71
CA GLN C 165 16.05 -16.41 -39.38
C GLN C 165 14.88 -16.15 -38.43
N VAL C 166 14.38 -14.93 -38.41
CA VAL C 166 13.23 -14.61 -37.58
C VAL C 166 12.04 -15.53 -37.95
N ALA C 167 11.86 -15.79 -39.24
CA ALA C 167 10.83 -16.72 -39.72
C ALA C 167 10.74 -18.05 -38.95
N GLN C 168 11.83 -18.49 -38.32
CA GLN C 168 11.86 -19.80 -37.65
C GLN C 168 11.40 -19.76 -36.21
N LEU C 169 11.18 -18.56 -35.68
CA LEU C 169 10.67 -18.41 -34.32
C LEU C 169 9.20 -18.87 -34.26
N PRO C 170 8.70 -19.19 -33.07
CA PRO C 170 7.32 -19.63 -32.95
C PRO C 170 6.32 -18.54 -33.38
N LYS C 171 5.18 -18.97 -33.92
CA LYS C 171 4.16 -18.06 -34.45
C LYS C 171 3.13 -17.59 -33.43
N LYS C 172 3.23 -18.08 -32.20
CA LYS C 172 2.20 -17.84 -31.18
C LYS C 172 2.78 -18.31 -29.85
N GLN C 173 2.10 -18.05 -28.73
CA GLN C 173 2.65 -18.48 -27.44
C GLN C 173 2.87 -19.98 -27.33
N VAL C 174 4.11 -20.38 -27.06
CA VAL C 174 4.45 -21.79 -26.97
C VAL C 174 3.96 -22.41 -25.65
N TYR C 175 4.12 -21.69 -24.55
CA TYR C 175 3.67 -22.13 -23.23
C TYR C 175 4.46 -23.29 -22.58
N ILE C 176 4.31 -24.50 -23.11
CA ILE C 176 5.13 -25.65 -22.71
C ILE C 176 5.68 -26.33 -23.97
N SER C 177 6.91 -26.81 -23.90
CA SER C 177 7.56 -27.40 -25.08
C SER C 177 8.29 -28.65 -24.72
N SER C 178 8.22 -29.63 -25.60
CA SER C 178 9.03 -30.83 -25.46
C SER C 178 9.84 -30.99 -26.74
N TYR C 179 10.19 -29.86 -27.34
CA TYR C 179 10.87 -29.84 -28.62
C TYR C 179 12.33 -30.24 -28.43
N GLY C 180 12.93 -29.80 -27.34
CA GLY C 180 14.30 -30.19 -27.02
C GLY C 180 15.35 -29.14 -27.37
N PRO C 181 16.63 -29.43 -27.07
CA PRO C 181 16.99 -30.66 -26.35
C PRO C 181 16.64 -30.66 -24.85
N ALA C 182 16.56 -31.86 -24.27
CA ALA C 182 16.56 -31.99 -22.82
C ALA C 182 17.85 -31.34 -22.30
N SER C 183 17.92 -31.04 -21.01
CA SER C 183 19.08 -30.32 -20.49
C SER C 183 20.24 -31.18 -19.99
N GLY C 184 21.46 -30.68 -20.11
CA GLY C 184 22.61 -31.47 -19.70
C GLY C 184 22.85 -31.41 -18.19
N PRO C 185 23.88 -32.12 -17.71
CA PRO C 185 24.21 -31.94 -16.29
C PRO C 185 24.29 -30.43 -15.94
N LEU C 186 23.96 -30.13 -14.68
CA LEU C 186 23.85 -28.79 -14.14
C LEU C 186 25.09 -27.90 -14.29
N ALA C 187 26.28 -28.46 -14.13
CA ALA C 187 27.50 -27.69 -14.31
C ALA C 187 27.68 -27.26 -15.77
N SER C 188 26.97 -27.88 -16.71
CA SER C 188 27.05 -27.45 -18.12
C SER C 188 25.94 -26.48 -18.54
N ALA C 189 24.92 -26.30 -17.72
CA ALA C 189 23.91 -25.31 -18.01
C ALA C 189 24.48 -23.89 -17.80
N THR C 190 25.33 -23.46 -18.72
CA THR C 190 26.00 -22.18 -18.57
C THR C 190 25.25 -21.19 -19.44
N PRO C 191 25.08 -19.96 -18.95
CA PRO C 191 24.41 -18.95 -19.76
C PRO C 191 25.12 -18.81 -21.10
N GLN C 192 24.36 -18.54 -22.17
CA GLN C 192 25.00 -18.38 -23.46
C GLN C 192 25.95 -17.18 -23.48
N GLY C 193 25.62 -16.12 -22.73
CA GLY C 193 26.48 -14.95 -22.60
C GLY C 193 26.99 -14.78 -21.18
N GLN C 194 28.14 -14.12 -21.03
CA GLN C 194 28.68 -13.71 -19.74
C GLN C 194 27.62 -13.07 -18.86
N THR C 195 27.22 -13.77 -17.80
CA THR C 195 26.18 -13.25 -16.93
C THR C 195 26.49 -13.42 -15.45
N ALA C 196 26.43 -12.32 -14.71
CA ALA C 196 26.68 -12.39 -13.27
C ALA C 196 25.62 -13.26 -12.59
N LYS C 197 26.02 -13.93 -11.51
CA LYS C 197 25.09 -14.82 -10.80
C LYS C 197 24.38 -14.15 -9.62
N ILE C 198 23.15 -14.56 -9.37
CA ILE C 198 22.37 -14.06 -8.23
C ILE C 198 22.97 -14.66 -6.97
N GLU C 199 23.20 -13.87 -5.94
CA GLU C 199 23.88 -14.46 -4.79
C GLU C 199 22.94 -14.83 -3.64
N VAL C 200 21.90 -14.03 -3.42
CA VAL C 200 20.92 -14.45 -2.41
C VAL C 200 20.15 -15.62 -3.00
N PRO C 201 20.17 -16.78 -2.32
CA PRO C 201 19.47 -17.97 -2.85
C PRO C 201 18.01 -17.73 -3.08
N HIS C 202 17.51 -18.14 -4.25
CA HIS C 202 16.08 -18.09 -4.51
C HIS C 202 15.44 -19.49 -4.60
N THR C 203 16.19 -20.51 -4.18
CA THR C 203 15.58 -21.79 -3.90
C THR C 203 15.91 -22.15 -2.45
N HIS C 204 15.24 -23.18 -1.91
CA HIS C 204 15.36 -23.55 -0.49
C HIS C 204 14.86 -24.95 -0.33
N ASN C 205 15.37 -25.65 0.67
CA ASN C 205 14.92 -26.99 0.96
C ASN C 205 13.97 -26.98 2.18
N LEU C 206 12.70 -27.30 1.96
CA LEU C 206 11.73 -27.23 3.04
C LEU C 206 11.53 -28.57 3.74
N LEU C 207 11.17 -29.60 2.97
CA LEU C 207 10.91 -30.92 3.56
C LEU C 207 12.09 -31.37 4.36
N GLY C 208 13.28 -30.89 4.00
CA GLY C 208 14.50 -31.34 4.61
C GLY C 208 14.89 -30.62 5.89
N GLN C 209 14.09 -29.65 6.32
CA GLN C 209 14.40 -28.93 7.56
C GLN C 209 14.10 -29.78 8.80
N GLN C 210 14.77 -29.48 9.91
CA GLN C 210 14.36 -30.04 11.20
C GLN C 210 13.01 -29.43 11.57
N PRO C 211 12.07 -30.25 12.07
CA PRO C 211 10.81 -29.73 12.61
C PRO C 211 10.98 -28.55 13.56
N LEU C 212 10.36 -27.42 13.24
CA LEU C 212 10.32 -26.28 14.13
C LEU C 212 9.64 -26.63 15.47
N VAL C 213 8.61 -27.47 15.38
CA VAL C 213 7.84 -27.90 16.53
C VAL C 213 7.39 -29.32 16.24
N SER C 214 7.50 -30.20 17.22
CA SER C 214 6.91 -31.53 17.05
C SER C 214 6.51 -32.14 18.39
N LEU C 215 5.32 -32.76 18.41
CA LEU C 215 4.71 -33.34 19.60
C LEU C 215 4.01 -34.63 19.22
N GLY C 216 4.46 -35.72 19.84
CA GLY C 216 3.88 -37.03 19.63
C GLY C 216 3.71 -37.42 18.17
N GLY C 217 4.69 -37.09 17.33
CA GLY C 217 4.64 -37.51 15.93
C GLY C 217 4.09 -36.43 15.00
N ASN C 218 3.45 -35.42 15.59
CA ASN C 218 2.92 -34.30 14.84
C ASN C 218 4.04 -33.28 14.65
N GLU C 219 4.14 -32.71 13.45
CA GLU C 219 5.29 -31.87 13.14
C GLU C 219 4.92 -30.71 12.25
N LEU C 220 5.64 -29.62 12.45
CA LEU C 220 5.47 -28.42 11.66
C LEU C 220 6.85 -27.97 11.16
N ARG C 221 6.94 -27.77 9.85
CA ARG C 221 8.16 -27.23 9.27
C ARG C 221 7.85 -25.87 8.67
N LEU C 222 8.63 -24.86 9.05
CA LEU C 222 8.33 -23.50 8.65
C LEU C 222 9.46 -22.83 7.87
N ALA C 223 9.08 -22.22 6.74
CA ALA C 223 10.00 -21.46 5.93
C ALA C 223 9.45 -20.04 5.74
N SER C 224 9.81 -19.16 6.66
CA SER C 224 9.43 -17.76 6.55
C SER C 224 10.68 -17.03 6.09
N ALA C 225 10.59 -15.71 5.94
CA ALA C 225 11.76 -14.93 5.58
C ALA C 225 12.99 -15.13 6.51
N LYS C 226 12.79 -15.72 7.69
CA LYS C 226 13.90 -15.99 8.59
C LYS C 226 14.77 -17.13 8.07
N GLU C 227 14.13 -18.18 7.55
CA GLU C 227 14.89 -19.31 7.03
C GLU C 227 15.14 -19.27 5.51
N PHE C 228 14.33 -18.48 4.80
CA PHE C 228 14.39 -18.37 3.34
C PHE C 228 14.25 -16.86 2.98
N PRO C 229 15.28 -16.04 3.32
CA PRO C 229 15.14 -14.60 3.15
C PRO C 229 14.78 -14.19 1.73
N GLY C 230 15.13 -15.00 0.73
CA GLY C 230 14.84 -14.65 -0.66
C GLY C 230 13.35 -14.57 -0.91
N SER C 231 12.60 -15.40 -0.20
CA SER C 231 11.16 -15.36 -0.21
C SER C 231 10.69 -14.30 0.79
N PHE C 232 11.11 -13.04 0.57
CA PHE C 232 10.94 -11.97 1.57
C PHE C 232 9.47 -11.73 1.89
N ASN C 233 8.63 -12.07 0.92
CA ASN C 233 7.25 -11.72 0.80
C ASN C 233 6.29 -12.77 1.36
N MET C 234 6.73 -14.02 1.33
CA MET C 234 5.85 -15.14 1.55
C MET C 234 6.49 -16.21 2.46
N THR C 235 5.62 -17.00 3.10
CA THR C 235 6.04 -18.01 4.05
C THR C 235 5.38 -19.33 3.69
N GLY C 236 6.11 -20.42 3.88
CA GLY C 236 5.57 -21.74 3.59
C GLY C 236 5.74 -22.68 4.76
N ALA C 237 4.86 -23.67 4.87
CA ALA C 237 4.97 -24.65 5.94
C ALA C 237 4.45 -26.03 5.58
N LEU C 238 5.05 -27.04 6.20
CA LEU C 238 4.58 -28.43 6.08
C LEU C 238 4.03 -28.86 7.42
N ILE C 239 2.84 -29.43 7.42
CA ILE C 239 2.28 -29.99 8.64
C ILE C 239 1.99 -31.46 8.46
N HIS C 240 2.53 -32.26 9.40
CA HIS C 240 2.24 -33.68 9.47
C HIS C 240 1.46 -33.96 10.76
N LEU C 241 0.28 -34.54 10.59
CA LEU C 241 -0.69 -34.67 11.67
C LEU C 241 -1.10 -36.13 11.85
N GLU C 242 -0.81 -36.70 13.02
CA GLU C 242 -1.23 -38.08 13.34
C GLU C 242 -2.74 -38.23 13.52
N PRO C 243 -3.25 -39.45 13.29
CA PRO C 243 -4.67 -39.77 13.51
C PRO C 243 -5.19 -39.20 14.83
N GLY C 244 -6.31 -38.48 14.79
CA GLY C 244 -6.92 -37.95 16.01
C GLY C 244 -6.38 -36.64 16.55
N ALA C 245 -5.23 -36.18 16.05
CA ALA C 245 -4.60 -34.95 16.55
C ALA C 245 -5.01 -33.73 15.75
N MET C 246 -4.68 -32.56 16.28
CA MET C 246 -5.06 -31.31 15.61
C MET C 246 -4.03 -30.19 15.84
N ARG C 247 -3.93 -29.26 14.88
CA ARG C 247 -3.34 -27.93 15.14
C ARG C 247 -4.32 -27.17 16.02
N GLN C 248 -3.84 -26.56 17.11
CA GLN C 248 -4.75 -25.85 18.02
C GLN C 248 -5.47 -24.67 17.37
N LEU C 249 -6.57 -24.25 17.97
CA LEU C 249 -7.24 -23.03 17.57
C LEU C 249 -6.29 -21.83 17.58
N HIS C 250 -6.29 -21.07 16.49
CA HIS C 250 -5.45 -19.87 16.40
C HIS C 250 -5.96 -18.95 15.30
N TRP C 251 -5.35 -17.77 15.20
CA TRP C 251 -5.56 -16.96 14.02
C TRP C 251 -4.25 -16.32 13.63
N HIS C 252 -4.22 -15.76 12.42
CA HIS C 252 -3.03 -15.06 11.94
C HIS C 252 -3.34 -13.57 11.79
N PRO C 253 -2.71 -12.73 12.63
CA PRO C 253 -2.96 -11.29 12.55
C PRO C 253 -2.64 -10.66 11.19
N ASN C 254 -1.63 -11.16 10.48
CA ASN C 254 -1.09 -10.43 9.32
C ASN C 254 -1.19 -11.11 7.96
N ALA C 255 -1.88 -12.24 7.84
CA ALA C 255 -1.82 -12.96 6.57
C ALA C 255 -3.01 -13.86 6.31
N ASP C 256 -3.30 -14.08 5.03
CA ASP C 256 -4.24 -15.11 4.62
C ASP C 256 -3.50 -16.43 4.52
N GLU C 257 -4.20 -17.54 4.65
CA GLU C 257 -3.55 -18.85 4.61
C GLU C 257 -4.12 -19.65 3.45
N TRP C 258 -3.25 -20.15 2.58
CA TRP C 258 -3.68 -20.99 1.47
C TRP C 258 -3.13 -22.40 1.73
N GLN C 259 -3.97 -23.42 1.52
CA GLN C 259 -3.66 -24.78 1.95
C GLN C 259 -3.91 -25.81 0.85
N TYR C 260 -3.01 -26.79 0.76
CA TYR C 260 -3.15 -27.90 -0.16
C TYR C 260 -2.88 -29.19 0.60
N VAL C 261 -3.70 -30.21 0.37
CA VAL C 261 -3.53 -31.52 1.00
C VAL C 261 -2.64 -32.50 0.21
N LEU C 262 -1.39 -32.62 0.64
CA LEU C 262 -0.45 -33.56 0.00
C LEU C 262 -0.92 -35.02 0.03
N ASP C 263 -1.43 -35.48 1.17
CA ASP C 263 -1.97 -36.83 1.28
C ASP C 263 -2.83 -36.91 2.55
N GLY C 264 -3.72 -37.90 2.60
CA GLY C 264 -4.60 -38.10 3.75
C GLY C 264 -5.90 -37.33 3.65
N GLU C 265 -6.55 -37.14 4.78
CA GLU C 265 -7.84 -36.42 4.87
C GLU C 265 -7.79 -35.37 5.93
N MET C 266 -8.25 -34.17 5.61
CA MET C 266 -8.16 -33.08 6.55
C MET C 266 -9.53 -32.54 6.88
N ASP C 267 -9.78 -32.35 8.18
CA ASP C 267 -10.93 -31.60 8.64
C ASP C 267 -10.47 -30.17 8.96
N LEU C 268 -11.19 -29.18 8.44
CA LEU C 268 -10.86 -27.77 8.64
C LEU C 268 -12.04 -26.99 9.20
N THR C 269 -11.77 -26.16 10.21
CA THR C 269 -12.80 -25.31 10.80
C THR C 269 -12.37 -23.85 10.76
N VAL C 270 -13.32 -22.99 10.39
CA VAL C 270 -13.06 -21.58 10.17
C VAL C 270 -14.17 -20.80 10.86
N PHE C 271 -13.82 -19.81 11.66
CA PHE C 271 -14.82 -19.04 12.38
C PHE C 271 -14.70 -17.60 12.07
N ALA C 272 -15.78 -16.97 11.69
CA ALA C 272 -15.72 -15.82 10.88
C ALA C 272 -16.28 -14.66 11.60
N SER C 273 -16.85 -14.86 12.77
CA SER C 273 -17.28 -13.77 13.57
C SER C 273 -18.74 -13.47 13.44
N GLU C 274 -19.31 -12.65 14.28
CA GLU C 274 -20.77 -12.55 14.20
C GLU C 274 -21.51 -13.88 14.18
N GLY C 275 -21.12 -14.80 15.04
CA GLY C 275 -21.79 -16.09 15.12
C GLY C 275 -21.80 -16.93 13.84
N LYS C 276 -20.84 -16.76 12.96
CA LYS C 276 -20.80 -17.59 11.75
C LYS C 276 -19.54 -18.47 11.74
N ALA C 277 -19.68 -19.73 11.32
CA ALA C 277 -18.56 -20.66 11.30
C ALA C 277 -18.76 -21.86 10.34
N SER C 278 -17.65 -22.48 9.95
CA SER C 278 -17.69 -23.60 9.00
C SER C 278 -16.80 -24.75 9.43
N VAL C 279 -17.15 -25.94 8.95
CA VAL C 279 -16.33 -27.13 9.20
C VAL C 279 -16.52 -28.04 7.98
N SER C 280 -15.44 -28.62 7.47
CA SER C 280 -15.56 -29.49 6.29
C SER C 280 -14.34 -30.37 6.03
N ARG C 281 -14.51 -31.36 5.16
CA ARG C 281 -13.42 -32.30 4.88
C ARG C 281 -12.68 -31.94 3.62
N LEU C 282 -11.39 -32.27 3.58
CA LEU C 282 -10.61 -32.09 2.37
C LEU C 282 -9.94 -33.41 1.96
N GLN C 283 -10.19 -33.87 0.73
CA GLN C 283 -9.50 -35.05 0.23
C GLN C 283 -8.09 -34.62 -0.20
N GLN C 284 -7.27 -35.60 -0.54
CA GLN C 284 -5.95 -35.30 -1.05
C GLN C 284 -6.10 -34.46 -2.31
N GLY C 285 -5.29 -33.40 -2.42
CA GLY C 285 -5.28 -32.59 -3.63
C GLY C 285 -6.35 -31.53 -3.63
N ASP C 286 -7.04 -31.41 -2.52
CA ASP C 286 -8.04 -30.39 -2.36
C ASP C 286 -7.40 -29.17 -1.68
N VAL C 287 -8.07 -28.03 -1.73
CA VAL C 287 -7.46 -26.77 -1.34
C VAL C 287 -8.34 -26.03 -0.32
N GLY C 288 -7.70 -25.42 0.69
CA GLY C 288 -8.41 -24.58 1.66
C GLY C 288 -7.86 -23.16 1.64
N TYR C 289 -8.67 -22.19 2.09
CA TYR C 289 -8.25 -20.79 2.22
C TYR C 289 -8.83 -20.17 3.50
N VAL C 290 -7.97 -19.61 4.34
CA VAL C 290 -8.43 -18.98 5.58
C VAL C 290 -8.06 -17.51 5.64
N PRO C 291 -9.05 -16.64 5.38
CA PRO C 291 -8.91 -15.20 5.42
C PRO C 291 -8.13 -14.68 6.63
N LYS C 292 -7.31 -13.67 6.41
CA LYS C 292 -6.56 -13.02 7.46
C LYS C 292 -7.42 -12.75 8.69
N GLY C 293 -6.90 -13.12 9.84
CA GLY C 293 -7.58 -12.84 11.09
C GLY C 293 -8.69 -13.77 11.53
N TYR C 294 -9.22 -14.61 10.63
CA TYR C 294 -10.25 -15.57 11.00
C TYR C 294 -9.67 -16.65 11.88
N GLY C 295 -10.41 -17.05 12.90
CA GLY C 295 -9.96 -18.13 13.78
C GLY C 295 -10.12 -19.48 13.10
N HIS C 296 -9.14 -20.36 13.29
CA HIS C 296 -9.24 -21.65 12.64
C HIS C 296 -8.49 -22.75 13.41
N ALA C 297 -8.73 -24.00 12.99
CA ALA C 297 -7.95 -25.17 13.43
C ALA C 297 -8.14 -26.32 12.44
N ILE C 298 -7.15 -27.20 12.35
CA ILE C 298 -7.30 -28.37 11.49
C ILE C 298 -7.09 -29.62 12.33
N ARG C 299 -7.72 -30.71 11.90
CA ARG C 299 -7.73 -31.94 12.68
C ARG C 299 -7.70 -33.16 11.77
N ASN C 300 -6.90 -34.15 12.14
CA ASN C 300 -6.89 -35.42 11.46
C ASN C 300 -7.91 -36.38 12.09
N SER C 301 -9.09 -36.50 11.49
CA SER C 301 -10.08 -37.41 12.06
C SER C 301 -10.18 -38.64 11.20
N SER C 302 -9.16 -39.47 11.21
CA SER C 302 -9.15 -40.61 10.30
C SER C 302 -8.12 -41.64 10.77
N GLN C 303 -8.08 -42.79 10.08
CA GLN C 303 -7.18 -43.86 10.54
C GLN C 303 -5.77 -43.70 9.96
N LYS C 304 -5.63 -42.91 8.89
CA LYS C 304 -4.29 -42.72 8.28
C LYS C 304 -3.69 -41.34 8.61
N PRO C 305 -2.38 -41.16 8.32
CA PRO C 305 -1.70 -39.87 8.53
C PRO C 305 -2.19 -38.78 7.57
N LEU C 306 -1.84 -37.55 7.90
CA LEU C 306 -2.24 -36.38 7.14
C LEU C 306 -1.00 -35.53 6.87
N ASP C 307 -0.87 -35.05 5.63
CA ASP C 307 0.24 -34.17 5.25
C ASP C 307 -0.25 -33.05 4.36
N ILE C 308 0.02 -31.80 4.77
CA ILE C 308 -0.38 -30.64 3.97
C ILE C 308 0.70 -29.57 3.92
N VAL C 309 0.69 -28.78 2.85
CA VAL C 309 1.52 -27.58 2.78
C VAL C 309 0.63 -26.36 2.88
N VAL C 310 1.03 -25.37 3.67
CA VAL C 310 0.28 -24.14 3.76
C VAL C 310 1.17 -22.94 3.43
N VAL C 311 0.58 -21.90 2.85
CA VAL C 311 1.35 -20.74 2.39
C VAL C 311 0.73 -19.45 2.88
N PHE C 312 1.55 -18.52 3.33
CA PHE C 312 1.05 -17.22 3.78
C PHE C 312 1.57 -16.10 2.91
N ASN C 313 0.73 -15.11 2.66
CA ASN C 313 1.15 -13.96 1.88
C ASN C 313 1.84 -12.88 2.71
N ASP C 314 2.70 -13.29 3.64
CA ASP C 314 3.58 -12.38 4.35
C ASP C 314 4.81 -13.18 4.73
N GLY C 315 5.98 -12.52 4.73
CA GLY C 315 7.22 -13.21 5.05
C GLY C 315 7.52 -13.33 6.53
N ASP C 316 6.64 -12.78 7.35
CA ASP C 316 6.83 -12.77 8.79
C ASP C 316 5.72 -13.62 9.38
N TYR C 317 6.00 -14.88 9.64
CA TYR C 317 4.99 -15.77 10.22
C TYR C 317 4.50 -15.30 11.62
N GLN C 318 3.19 -15.06 11.73
CA GLN C 318 2.58 -14.57 12.97
C GLN C 318 1.37 -15.38 13.36
N SER C 319 1.39 -15.94 14.57
CA SER C 319 0.28 -16.74 15.04
C SER C 319 -0.12 -16.44 16.49
N ILE C 320 -1.41 -16.34 16.77
CA ILE C 320 -1.88 -16.32 18.15
C ILE C 320 -2.77 -17.52 18.41
N ASP C 321 -2.28 -18.44 19.24
CA ASP C 321 -2.97 -19.65 19.64
C ASP C 321 -3.90 -19.36 20.78
N LEU C 322 -5.12 -19.91 20.70
CA LEU C 322 -6.09 -19.69 21.72
C LEU C 322 -5.43 -19.98 23.05
N SER C 323 -4.67 -21.07 23.15
CA SER C 323 -4.01 -21.39 24.41
C SER C 323 -3.04 -20.33 24.95
N THR C 324 -2.04 -19.93 24.16
CA THR C 324 -1.14 -18.82 24.54
C THR C 324 -1.93 -17.63 25.07
N TRP C 325 -3.04 -17.35 24.40
CA TRP C 325 -3.85 -16.16 24.66
C TRP C 325 -4.51 -16.22 25.99
N LEU C 326 -5.22 -17.31 26.24
CA LEU C 326 -5.86 -17.53 27.53
C LEU C 326 -4.82 -17.63 28.64
N ALA C 327 -3.67 -18.25 28.36
CA ALA C 327 -2.59 -18.38 29.35
C ALA C 327 -2.06 -17.01 29.74
N SER C 328 -2.16 -16.06 28.83
CA SER C 328 -1.58 -14.75 29.06
C SER C 328 -2.44 -13.88 29.97
N ASN C 329 -3.63 -14.36 30.29
CA ASN C 329 -4.59 -13.56 31.03
C ASN C 329 -4.79 -14.02 32.45
N PRO C 330 -5.10 -13.08 33.35
CA PRO C 330 -5.34 -13.34 34.76
C PRO C 330 -6.67 -14.06 34.98
N SER C 331 -6.77 -14.79 36.09
CA SER C 331 -7.96 -15.53 36.45
C SER C 331 -9.25 -14.71 36.29
N SER C 332 -9.29 -13.55 36.94
CA SER C 332 -10.49 -12.71 36.92
C SER C 332 -10.99 -12.43 35.50
N VAL C 333 -10.11 -11.91 34.65
CA VAL C 333 -10.48 -11.57 33.29
C VAL C 333 -11.11 -12.76 32.59
N LEU C 334 -10.46 -13.93 32.72
CA LEU C 334 -10.93 -15.15 32.08
C LEU C 334 -12.30 -15.59 32.60
N GLY C 335 -12.40 -15.75 33.92
CA GLY C 335 -13.65 -16.13 34.57
C GLY C 335 -14.82 -15.22 34.22
N ASN C 336 -14.59 -13.91 34.27
CA ASN C 336 -15.58 -12.93 33.87
C ASN C 336 -15.96 -13.00 32.40
N THR C 337 -14.99 -13.33 31.54
CA THR C 337 -15.26 -13.45 30.11
C THR C 337 -16.08 -14.68 29.74
N PHE C 338 -15.67 -15.83 30.27
CA PHE C 338 -16.34 -17.09 29.94
C PHE C 338 -17.54 -17.35 30.86
N GLN C 339 -17.63 -16.56 31.93
CA GLN C 339 -18.73 -16.65 32.89
C GLN C 339 -18.77 -18.03 33.51
N ILE C 340 -17.60 -18.59 33.77
CA ILE C 340 -17.51 -19.89 34.43
C ILE C 340 -17.06 -19.70 35.90
N SER C 341 -16.98 -20.77 36.68
CA SER C 341 -16.55 -20.70 38.08
C SER C 341 -15.03 -20.48 38.27
N PRO C 342 -14.63 -19.94 39.43
CA PRO C 342 -13.21 -19.87 39.78
C PRO C 342 -12.45 -21.21 39.59
N GLU C 343 -13.10 -22.33 39.91
CA GLU C 343 -12.45 -23.64 39.86
C GLU C 343 -12.26 -24.04 38.41
N LEU C 344 -13.27 -23.78 37.57
CA LEU C 344 -13.14 -24.15 36.19
C LEU C 344 -12.13 -23.23 35.51
N THR C 345 -12.19 -21.95 35.86
CA THR C 345 -11.27 -20.94 35.37
C THR C 345 -9.80 -21.41 35.42
N LYS C 346 -9.39 -21.99 36.56
CA LYS C 346 -7.99 -22.39 36.76
C LYS C 346 -7.57 -23.52 35.82
N LYS C 347 -8.53 -24.18 35.21
CA LYS C 347 -8.24 -25.29 34.33
C LYS C 347 -8.17 -24.85 32.88
N LEU C 348 -8.09 -23.55 32.64
CA LEU C 348 -7.94 -23.06 31.27
C LEU C 348 -6.48 -23.22 30.88
N PRO C 349 -6.17 -23.12 29.58
CA PRO C 349 -4.77 -23.40 29.26
C PRO C 349 -3.76 -22.55 30.03
N VAL C 350 -2.65 -23.18 30.42
CA VAL C 350 -1.51 -22.50 31.02
C VAL C 350 -0.27 -22.60 30.11
N GLN C 351 -0.43 -23.19 28.93
CA GLN C 351 0.69 -23.34 28.01
C GLN C 351 0.23 -23.83 26.64
N ASP C 352 1.09 -23.64 25.65
CA ASP C 352 0.70 -23.84 24.28
C ASP C 352 1.59 -24.88 23.62
N THR C 353 1.04 -26.02 23.22
CA THR C 353 1.89 -27.04 22.66
C THR C 353 1.67 -27.14 21.14
N ILE C 354 1.05 -26.11 20.58
CA ILE C 354 0.84 -25.97 19.12
C ILE C 354 -0.11 -27.00 18.54
N PHE C 355 0.20 -28.28 18.74
CA PHE C 355 -0.75 -29.36 18.49
C PHE C 355 -1.42 -29.78 19.78
N SER C 356 -2.57 -30.44 19.65
CA SER C 356 -3.24 -31.09 20.78
C SER C 356 -3.45 -32.55 20.44
N LEU C 357 -3.13 -33.44 21.38
CA LEU C 357 -3.18 -34.87 21.14
C LEU C 357 -4.55 -35.47 21.43
N PRO C 358 -4.85 -36.65 20.83
CA PRO C 358 -6.19 -37.20 21.02
C PRO C 358 -6.33 -37.79 22.41
N THR C 359 -7.47 -37.55 23.04
CA THR C 359 -7.71 -38.03 24.40
C THR C 359 -8.64 -39.25 24.38
#